data_6NSE
#
_entry.id   6NSE
#
_cell.length_a   58.400
_cell.length_b   106.740
_cell.length_c   156.360
_cell.angle_alpha   90.00
_cell.angle_beta   90.00
_cell.angle_gamma   90.00
#
_symmetry.space_group_name_H-M   'P 21 21 21'
#
loop_
_entity.id
_entity.type
_entity.pdbx_description
1 polymer 'PROTEIN (NITRIC OXIDE SYNTHASE)'
2 non-polymer 'ACETATE ION'
3 non-polymer 'ZINC ION'
4 non-polymer 'PROTOPORPHYRIN IX CONTAINING FE'
5 non-polymer L-CANAVANINE
6 non-polymer 'CACODYLIC ACID'
7 non-polymer GLYCEROL
8 water water
#
_entity_poly.entity_id   1
_entity_poly.type   'polypeptide(L)'
_entity_poly.pdbx_seq_one_letter_code
;SRAPAPATPHAPDHSPAPNSPTLTRPPEGPKFPRVKNWELGSITYDTLCAQSQQDGPCTPRRCLGSLVLPRKLQTRPSPG
PPPAEQLLSQARDFINQYYSSIKRSGSQAHEERLQEVEAEVASTGTYHLRESELVFGAKQAWRNAPRCVGRIQWGKLQVF
DARDCSSAQEMFTYICNHIKYATNRGNLRSAITVFPQRAPGRGDFRIWNSQLVRYAGYRQQDGSVRGDPANVEITELCIQ
HGWTPGNGRFDVLPLLLQAPDEAPELFVLPPELVLEVPLEHPTLEWFAALGLRWYALPAVSNMLLEIGGLEFSAAPFSGW
YMSTEIGTRNLCDPHRYNILEDVAVCMDLDTRTTSSLWKDKAAVEINLAVLHSFQLAKVTIVDHHAATVSFMKHLDNEQK
ARGGCPADWAWIVPPISGSLTPVFHQEMVNYILSPAFRYQPDPW
;
_entity_poly.pdbx_strand_id   A,B
#
loop_
_chem_comp.id
_chem_comp.type
_chem_comp.name
_chem_comp.formula
ACT non-polymer 'ACETATE ION' 'C2 H3 O2 -1'
CAD non-polymer 'CACODYLIC ACID' 'C2 H7 As O2'
GOL non-polymer GLYCEROL 'C3 H8 O3'
HEM non-polymer 'PROTOPORPHYRIN IX CONTAINING FE' 'C34 H32 Fe N4 O4'
ZN non-polymer 'ZINC ION' 'Zn 2'
#
# COMPACT_ATOMS: atom_id res chain seq x y z
N GLY A 29 16.73 12.60 -16.75
CA GLY A 29 17.16 13.87 -16.09
C GLY A 29 17.98 13.67 -14.83
N PRO A 30 17.49 14.15 -13.68
CA PRO A 30 18.15 14.04 -12.37
C PRO A 30 18.38 12.60 -11.92
N LYS A 31 19.51 12.38 -11.24
CA LYS A 31 19.95 11.07 -10.71
C LYS A 31 19.29 10.67 -9.38
N PHE A 32 18.04 11.07 -9.16
CA PHE A 32 17.35 10.73 -7.92
C PHE A 32 15.96 10.21 -8.20
N PRO A 33 15.39 9.46 -7.26
CA PRO A 33 14.03 8.91 -7.42
C PRO A 33 13.03 9.95 -7.94
N ARG A 34 12.40 9.64 -9.08
CA ARG A 34 11.40 10.50 -9.68
C ARG A 34 10.09 10.07 -9.04
N VAL A 35 9.37 11.02 -8.48
CA VAL A 35 8.13 10.72 -7.78
C VAL A 35 6.99 11.48 -8.41
N LYS A 36 5.89 10.78 -8.67
CA LYS A 36 4.76 11.40 -9.33
C LYS A 36 3.43 11.38 -8.58
N ASN A 37 2.62 12.40 -8.83
CA ASN A 37 1.30 12.48 -8.25
C ASN A 37 0.39 12.27 -9.45
N TRP A 38 -0.36 11.18 -9.45
CA TRP A 38 -1.23 10.86 -10.56
C TRP A 38 -2.50 11.66 -10.62
N GLU A 39 -2.89 12.26 -9.50
CA GLU A 39 -4.10 13.08 -9.48
C GLU A 39 -3.81 14.46 -10.05
N LEU A 40 -2.59 14.94 -9.83
CA LEU A 40 -2.21 16.27 -10.29
C LEU A 40 -1.26 16.31 -11.46
N GLY A 41 -0.60 15.18 -11.73
CA GLY A 41 0.35 15.11 -12.82
C GLY A 41 1.69 15.72 -12.47
N SER A 42 1.80 16.25 -11.24
CA SER A 42 3.04 16.88 -10.78
C SER A 42 4.16 15.87 -10.51
N ILE A 43 5.39 16.33 -10.70
CA ILE A 43 6.60 15.53 -10.54
C ILE A 43 7.60 16.19 -9.57
N THR A 44 8.33 15.37 -8.83
CA THR A 44 9.36 15.84 -7.91
C THR A 44 10.45 14.80 -7.83
N TYR A 45 11.62 15.21 -7.37
CA TYR A 45 12.73 14.31 -7.19
C TYR A 45 13.11 14.26 -5.71
N ASP A 46 13.39 13.07 -5.22
CA ASP A 46 13.76 12.90 -3.83
C ASP A 46 15.28 12.85 -3.71
N THR A 47 15.86 13.97 -3.25
CA THR A 47 17.31 14.10 -3.05
C THR A 47 17.70 13.79 -1.61
N LEU A 48 16.70 13.85 -0.71
CA LEU A 48 16.89 13.61 0.70
C LEU A 48 17.34 12.20 1.04
N CYS A 49 16.90 11.23 0.24
CA CYS A 49 17.25 9.82 0.46
C CYS A 49 18.75 9.58 0.40
N ALA A 50 19.47 10.54 -0.18
CA ALA A 50 20.93 10.46 -0.32
C ALA A 50 21.55 10.54 1.05
N GLN A 51 20.82 11.15 1.98
CA GLN A 51 21.26 11.32 3.35
C GLN A 51 21.15 10.06 4.22
N SER A 52 20.30 9.11 3.82
CA SER A 52 20.12 7.86 4.57
C SER A 52 21.42 7.11 4.79
N GLN A 53 21.65 6.67 6.03
CA GLN A 53 22.86 5.93 6.37
C GLN A 53 22.53 4.53 6.90
N GLN A 54 21.23 4.23 7.02
CA GLN A 54 20.75 2.93 7.52
C GLN A 54 20.06 2.17 6.39
N ASP A 55 20.55 0.96 6.10
CA ASP A 55 19.99 0.12 5.05
C ASP A 55 18.56 -0.32 5.32
N GLY A 56 17.86 -0.63 4.25
CA GLY A 56 16.47 -1.06 4.34
C GLY A 56 16.36 -2.54 4.08
N PRO A 57 15.12 -3.05 3.97
CA PRO A 57 14.80 -4.46 3.73
C PRO A 57 14.84 -4.94 2.25
N CYS A 58 14.74 -4.01 1.32
CA CYS A 58 14.73 -4.30 -0.11
C CYS A 58 16.11 -4.48 -0.75
N THR A 59 16.10 -5.12 -1.91
CA THR A 59 17.28 -5.36 -2.73
C THR A 59 16.73 -5.28 -4.14
N PRO A 60 17.58 -5.09 -5.15
CA PRO A 60 17.05 -5.01 -6.53
C PRO A 60 16.24 -6.25 -6.95
N ARG A 61 16.47 -7.39 -6.29
CA ARG A 61 15.74 -8.61 -6.62
C ARG A 61 14.30 -8.64 -6.13
N ARG A 62 14.04 -8.07 -4.95
CA ARG A 62 12.68 -8.04 -4.44
C ARG A 62 12.39 -6.96 -3.39
N CYS A 63 11.13 -6.54 -3.36
CA CYS A 63 10.64 -5.53 -2.44
C CYS A 63 10.01 -6.15 -1.19
N LEU A 64 10.68 -5.94 -0.07
CA LEU A 64 10.20 -6.40 1.23
C LEU A 64 9.65 -5.15 1.93
N GLY A 65 8.90 -4.33 1.19
CA GLY A 65 8.35 -3.10 1.71
C GLY A 65 6.99 -3.15 2.39
N SER A 66 6.37 -4.32 2.40
CA SER A 66 5.05 -4.46 3.03
C SER A 66 5.19 -5.19 4.37
N LEU A 67 6.41 -5.60 4.71
CA LEU A 67 6.66 -6.31 5.96
C LEU A 67 6.65 -5.33 7.10
N VAL A 68 5.82 -5.62 8.11
CA VAL A 68 5.71 -4.76 9.29
C VAL A 68 7.00 -4.71 10.11
N LEU A 69 7.57 -5.87 10.40
CA LEU A 69 8.79 -5.94 11.19
C LEU A 69 9.94 -6.63 10.47
N PRO A 70 10.57 -5.96 9.48
CA PRO A 70 11.68 -6.63 8.81
C PRO A 70 12.89 -6.40 9.74
N ARG A 71 13.93 -7.22 9.62
CA ARG A 71 15.08 -7.00 10.49
C ARG A 71 16.03 -5.94 9.95
N LYS A 72 15.43 -4.85 9.48
CA LYS A 72 16.14 -3.70 8.91
C LYS A 72 15.63 -2.40 9.56
N LEU A 73 14.54 -2.52 10.31
CA LEU A 73 13.94 -1.38 11.01
C LEU A 73 14.08 -1.61 12.51
N GLN A 74 14.11 -2.88 12.90
CA GLN A 74 14.22 -3.27 14.29
C GLN A 74 15.65 -3.23 14.86
N THR A 75 15.80 -2.60 16.02
CA THR A 75 17.09 -2.49 16.70
C THR A 75 17.23 -3.55 17.79
N ARG A 76 17.97 -4.62 17.49
CA ARG A 76 18.21 -5.70 18.44
C ARG A 76 18.90 -5.16 19.70
N PRO A 77 18.78 -5.88 20.85
CA PRO A 77 19.41 -5.37 22.07
C PRO A 77 20.94 -5.49 22.00
N SER A 78 21.62 -4.39 22.34
CA SER A 78 23.07 -4.40 22.33
C SER A 78 23.55 -4.69 23.75
N PRO A 79 23.90 -5.97 24.02
CA PRO A 79 24.38 -6.40 25.34
C PRO A 79 25.72 -5.75 25.68
N GLY A 80 26.42 -5.32 24.64
CA GLY A 80 27.70 -4.64 24.79
C GLY A 80 27.62 -3.27 24.14
N PRO A 81 28.39 -2.28 24.65
CA PRO A 81 28.40 -0.91 24.12
C PRO A 81 28.89 -0.85 22.66
N PRO A 82 28.18 -0.08 21.80
CA PRO A 82 28.49 0.08 20.38
C PRO A 82 29.96 0.43 20.13
N PRO A 83 30.55 -0.09 19.03
CA PRO A 83 31.96 0.19 18.71
C PRO A 83 32.22 1.70 18.71
N ALA A 84 33.14 2.13 19.57
CA ALA A 84 33.49 3.54 19.73
C ALA A 84 33.56 4.33 18.43
N GLU A 85 34.05 3.70 17.37
CA GLU A 85 34.19 4.31 16.05
C GLU A 85 32.83 4.60 15.41
N GLN A 86 31.93 3.62 15.46
CA GLN A 86 30.60 3.76 14.88
C GLN A 86 29.71 4.74 15.66
N LEU A 87 29.89 4.78 16.97
CA LEU A 87 29.12 5.67 17.84
C LEU A 87 29.55 7.09 17.51
N LEU A 88 30.85 7.27 17.35
CA LEU A 88 31.47 8.56 17.06
C LEU A 88 30.88 9.21 15.82
N SER A 89 30.85 8.48 14.71
CA SER A 89 30.33 8.99 13.45
C SER A 89 28.84 9.29 13.48
N GLN A 90 28.07 8.49 14.22
CA GLN A 90 26.64 8.72 14.35
C GLN A 90 26.44 10.00 15.14
N ALA A 91 27.30 10.19 16.13
CA ALA A 91 27.31 11.36 17.01
C ALA A 91 27.80 12.63 16.30
N ARG A 92 28.93 12.53 15.59
CA ARG A 92 29.49 13.65 14.83
C ARG A 92 28.41 14.09 13.87
N ASP A 93 27.79 13.10 13.23
CA ASP A 93 26.73 13.34 12.27
C ASP A 93 25.53 14.04 12.87
N PHE A 94 25.11 13.61 14.06
CA PHE A 94 23.96 14.23 14.69
C PHE A 94 24.23 15.69 15.06
N ILE A 95 25.40 15.95 15.65
CA ILE A 95 25.79 17.29 16.04
C ILE A 95 25.75 18.24 14.84
N ASN A 96 26.15 17.72 13.68
CA ASN A 96 26.16 18.50 12.44
C ASN A 96 24.74 18.88 12.04
N GLN A 97 23.80 17.95 12.19
CA GLN A 97 22.41 18.20 11.87
C GLN A 97 21.90 19.28 12.80
N TYR A 98 22.30 19.16 14.07
CA TYR A 98 21.90 20.10 15.10
C TYR A 98 22.37 21.52 14.80
N TYR A 99 23.68 21.69 14.62
CA TYR A 99 24.22 23.02 14.30
C TYR A 99 23.68 23.62 12.99
N SER A 100 23.40 22.76 12.01
CA SER A 100 22.85 23.21 10.74
C SER A 100 21.45 23.73 10.98
N SER A 101 20.76 23.15 11.95
CA SER A 101 19.40 23.58 12.25
C SER A 101 19.41 24.96 12.90
N ILE A 102 20.49 25.29 13.60
CA ILE A 102 20.60 26.61 14.22
C ILE A 102 21.45 27.54 13.36
N LYS A 103 21.95 26.99 12.24
CA LYS A 103 22.76 27.71 11.26
C LYS A 103 24.11 28.17 11.81
N ARG A 104 24.88 27.22 12.32
CA ARG A 104 26.20 27.51 12.89
C ARG A 104 27.18 26.44 12.46
N SER A 105 26.94 25.83 11.31
CA SER A 105 27.82 24.77 10.84
C SER A 105 29.22 25.38 10.56
N GLY A 106 30.26 24.66 10.97
CA GLY A 106 31.63 25.13 10.76
C GLY A 106 32.11 26.12 11.82
N SER A 107 31.18 26.60 12.65
CA SER A 107 31.49 27.56 13.71
C SER A 107 32.31 26.95 14.84
N GLN A 108 32.92 27.81 15.65
CA GLN A 108 33.74 27.43 16.79
C GLN A 108 32.95 26.58 17.80
N ALA A 109 31.69 26.95 18.02
CA ALA A 109 30.82 26.23 18.94
C ALA A 109 30.61 24.82 18.40
N HIS A 110 30.41 24.73 17.08
CA HIS A 110 30.21 23.45 16.39
C HIS A 110 31.42 22.54 16.56
N GLU A 111 32.60 23.05 16.23
CA GLU A 111 33.84 22.29 16.33
C GLU A 111 34.22 21.92 17.77
N GLU A 112 33.86 22.80 18.72
CA GLU A 112 34.14 22.56 20.12
C GLU A 112 33.25 21.46 20.64
N ARG A 113 31.97 21.53 20.26
CA ARG A 113 30.99 20.53 20.67
C ARG A 113 31.36 19.16 20.11
N LEU A 114 32.01 19.16 18.96
CA LEU A 114 32.45 17.93 18.33
C LEU A 114 33.60 17.35 19.13
N GLN A 115 34.56 18.20 19.49
CA GLN A 115 35.73 17.79 20.28
C GLN A 115 35.29 17.31 21.65
N GLU A 116 34.24 17.94 22.16
CA GLU A 116 33.67 17.61 23.46
C GLU A 116 32.99 16.23 23.45
N VAL A 117 32.39 15.88 22.32
CA VAL A 117 31.69 14.60 22.15
C VAL A 117 32.67 13.44 22.08
N GLU A 118 33.74 13.60 21.31
CA GLU A 118 34.74 12.54 21.19
C GLU A 118 35.59 12.41 22.45
N ALA A 119 35.76 13.52 23.17
CA ALA A 119 36.52 13.50 24.42
C ALA A 119 35.76 12.63 25.41
N GLU A 120 34.45 12.86 25.49
CA GLU A 120 33.59 12.11 26.38
C GLU A 120 33.53 10.64 25.96
N VAL A 121 33.38 10.37 24.66
CA VAL A 121 33.32 9.00 24.18
C VAL A 121 34.66 8.31 24.40
N ALA A 122 35.73 9.08 24.29
CA ALA A 122 37.09 8.57 24.47
C ALA A 122 37.34 8.00 25.85
N SER A 123 36.91 8.71 26.89
CA SER A 123 37.10 8.27 28.26
C SER A 123 35.99 7.41 28.87
N THR A 124 34.73 7.72 28.54
CA THR A 124 33.60 6.98 29.09
C THR A 124 32.97 5.92 28.18
N GLY A 125 33.21 6.02 26.87
CA GLY A 125 32.64 5.06 25.94
C GLY A 125 31.34 5.55 25.31
N THR A 126 30.73 6.53 25.94
CA THR A 126 29.47 7.13 25.46
C THR A 126 29.58 8.63 25.68
N TYR A 127 28.49 9.36 25.40
CA TYR A 127 28.45 10.80 25.62
C TYR A 127 27.01 11.19 25.99
N HIS A 128 26.77 12.47 26.23
CA HIS A 128 25.45 12.96 26.61
C HIS A 128 25.05 14.16 25.76
N LEU A 129 23.74 14.36 25.61
CA LEU A 129 23.23 15.46 24.81
C LEU A 129 22.91 16.65 25.69
N ARG A 130 22.88 17.83 25.11
CA ARG A 130 22.54 19.02 25.85
C ARG A 130 21.02 19.08 25.78
N GLU A 131 20.42 19.83 26.70
CA GLU A 131 18.98 19.93 26.74
C GLU A 131 18.33 20.27 25.38
N SER A 132 18.81 21.31 24.72
CA SER A 132 18.27 21.76 23.43
C SER A 132 18.49 20.78 22.30
N GLU A 133 19.52 19.93 22.43
CA GLU A 133 19.84 18.93 21.44
C GLU A 133 18.83 17.79 21.51
N LEU A 134 18.47 17.38 22.72
CA LEU A 134 17.48 16.32 22.92
C LEU A 134 16.14 16.76 22.29
N VAL A 135 15.76 18.00 22.54
CA VAL A 135 14.51 18.54 22.00
C VAL A 135 14.57 18.51 20.47
N PHE A 136 15.75 18.80 19.92
CA PHE A 136 15.92 18.79 18.47
C PHE A 136 15.72 17.39 17.88
N GLY A 137 16.56 16.46 18.33
CA GLY A 137 16.50 15.11 17.85
C GLY A 137 15.15 14.45 18.03
N ALA A 138 14.48 14.74 19.14
CA ALA A 138 13.17 14.15 19.39
C ALA A 138 12.19 14.65 18.33
N LYS A 139 12.21 15.94 18.05
CA LYS A 139 11.33 16.49 17.02
C LYS A 139 11.73 15.92 15.66
N GLN A 140 13.03 15.75 15.46
CA GLN A 140 13.59 15.26 14.22
C GLN A 140 13.17 13.80 13.98
N ALA A 141 13.20 12.99 15.05
CA ALA A 141 12.82 11.56 14.98
C ALA A 141 11.37 11.40 14.55
N TRP A 142 10.50 12.26 15.04
CA TRP A 142 9.10 12.23 14.68
C TRP A 142 9.01 12.64 13.23
N ARG A 143 9.74 13.69 12.88
CA ARG A 143 9.80 14.24 11.52
C ARG A 143 10.23 13.17 10.49
N ASN A 144 11.14 12.29 10.91
CA ASN A 144 11.68 11.23 10.08
C ASN A 144 10.81 9.94 10.01
N ALA A 145 9.77 9.86 10.84
CA ALA A 145 8.88 8.69 10.91
C ALA A 145 8.09 8.45 9.64
N PRO A 146 8.48 7.45 8.84
CA PRO A 146 7.84 7.09 7.57
C PRO A 146 6.37 6.68 7.64
N ARG A 147 5.99 6.05 8.76
CA ARG A 147 4.63 5.56 8.95
C ARG A 147 3.63 6.51 9.58
N CYS A 148 4.08 7.70 9.99
CA CYS A 148 3.20 8.68 10.62
C CYS A 148 2.63 9.70 9.63
N VAL A 149 1.30 9.80 9.57
CA VAL A 149 0.64 10.74 8.67
C VAL A 149 0.40 12.11 9.33
N GLY A 150 0.68 12.22 10.63
CA GLY A 150 0.46 13.48 11.32
C GLY A 150 1.69 14.33 11.51
N ARG A 151 2.70 14.13 10.66
CA ARG A 151 3.96 14.85 10.74
C ARG A 151 3.90 16.34 10.40
N ILE A 152 2.74 16.88 10.04
CA ILE A 152 2.63 18.30 9.75
C ILE A 152 2.72 19.06 11.11
N GLN A 153 2.65 18.32 12.20
CA GLN A 153 2.70 18.88 13.55
C GLN A 153 4.07 18.67 14.17
N TRP A 154 4.98 18.02 13.46
CA TRP A 154 6.32 17.70 13.96
C TRP A 154 7.03 18.80 14.78
N GLY A 155 6.80 20.06 14.42
CA GLY A 155 7.44 21.15 15.14
C GLY A 155 6.81 21.38 16.51
N LYS A 156 5.52 21.09 16.64
CA LYS A 156 4.83 21.28 17.90
C LYS A 156 4.90 20.02 18.78
N LEU A 157 5.98 19.91 19.56
CA LEU A 157 6.18 18.76 20.43
C LEU A 157 6.77 19.18 21.78
N GLN A 158 6.09 18.82 22.87
CA GLN A 158 6.55 19.14 24.21
C GLN A 158 7.47 18.03 24.64
N VAL A 159 8.76 18.33 24.75
CA VAL A 159 9.75 17.35 25.15
C VAL A 159 10.07 17.43 26.65
N PHE A 160 9.55 16.48 27.41
CA PHE A 160 9.79 16.43 28.84
C PHE A 160 11.07 15.66 29.10
N ASP A 161 12.08 16.35 29.60
CA ASP A 161 13.36 15.71 29.91
C ASP A 161 13.18 14.96 31.21
N ALA A 162 13.44 13.65 31.18
CA ALA A 162 13.30 12.82 32.35
C ALA A 162 14.53 11.97 32.51
N ARG A 163 15.65 12.51 32.03
CA ARG A 163 16.92 11.83 32.12
C ARG A 163 17.49 11.78 33.53
N ASP A 164 16.80 12.44 34.46
CA ASP A 164 17.19 12.45 35.88
C ASP A 164 16.54 11.29 36.63
N CYS A 165 15.46 10.75 36.06
CA CYS A 165 14.71 9.65 36.64
C CYS A 165 15.62 8.53 37.10
N SER A 166 15.35 7.96 38.28
CA SER A 166 16.21 6.88 38.77
C SER A 166 15.47 5.71 39.41
N SER A 167 14.13 5.75 39.37
CA SER A 167 13.32 4.67 39.93
C SER A 167 12.05 4.41 39.13
N ALA A 168 11.55 3.18 39.24
CA ALA A 168 10.31 2.81 38.56
C ALA A 168 9.16 3.67 39.09
N GLN A 169 9.22 3.99 40.38
CA GLN A 169 8.20 4.83 41.02
C GLN A 169 8.20 6.22 40.37
N GLU A 170 9.40 6.75 40.13
CA GLU A 170 9.53 8.05 39.53
C GLU A 170 9.03 8.03 38.07
N MET A 171 9.31 6.94 37.36
CA MET A 171 8.83 6.79 35.98
C MET A 171 7.33 6.98 35.98
N PHE A 172 6.68 6.38 36.98
CA PHE A 172 5.25 6.46 37.13
C PHE A 172 4.76 7.89 37.22
N THR A 173 5.45 8.69 38.04
CA THR A 173 5.10 10.10 38.26
C THR A 173 5.21 10.90 36.95
N TYR A 174 6.36 10.73 36.27
CA TYR A 174 6.63 11.39 35.01
C TYR A 174 5.54 11.08 34.00
N ILE A 175 5.19 9.80 33.90
CA ILE A 175 4.13 9.32 32.99
C ILE A 175 2.78 9.96 33.34
N CYS A 176 2.48 10.08 34.64
CA CYS A 176 1.21 10.66 35.08
C CYS A 176 1.18 12.15 34.73
N ASN A 177 2.34 12.79 34.80
CA ASN A 177 2.46 14.19 34.45
C ASN A 177 2.29 14.34 32.94
N HIS A 178 2.86 13.38 32.21
CA HIS A 178 2.78 13.32 30.75
C HIS A 178 1.33 13.22 30.34
N ILE A 179 0.62 12.22 30.89
CA ILE A 179 -0.79 11.99 30.57
C ILE A 179 -1.64 13.20 30.90
N LYS A 180 -1.34 13.85 32.01
CA LYS A 180 -2.08 15.04 32.44
C LYS A 180 -1.91 16.20 31.45
N TYR A 181 -0.66 16.50 31.12
CA TYR A 181 -0.35 17.57 30.19
C TYR A 181 -0.89 17.22 28.81
N ALA A 182 -0.47 16.07 28.28
CA ALA A 182 -0.91 15.63 26.96
C ALA A 182 -2.42 15.52 26.79
N THR A 183 -3.13 15.02 27.81
CA THR A 183 -4.57 14.87 27.73
C THR A 183 -5.28 16.22 27.77
N ASN A 184 -4.77 17.11 28.61
CA ASN A 184 -5.30 18.47 28.74
C ASN A 184 -6.82 18.60 28.61
N ARG A 185 -7.54 17.68 29.26
CA ARG A 185 -9.01 17.66 29.25
C ARG A 185 -9.67 17.61 27.87
N GLY A 186 -9.11 16.80 26.98
CA GLY A 186 -9.68 16.68 25.65
C GLY A 186 -9.10 17.56 24.56
N ASN A 187 -8.30 18.56 24.95
CA ASN A 187 -7.66 19.45 23.99
C ASN A 187 -6.21 18.99 23.97
N LEU A 188 -6.01 17.75 23.55
CA LEU A 188 -4.71 17.09 23.50
C LEU A 188 -3.56 17.88 22.92
N ARG A 189 -2.38 17.61 23.47
CA ARG A 189 -1.15 18.27 23.06
C ARG A 189 -0.07 17.20 22.92
N SER A 190 0.63 17.22 21.78
CA SER A 190 1.69 16.25 21.50
C SER A 190 2.85 16.40 22.47
N ALA A 191 3.34 15.29 22.98
CA ALA A 191 4.43 15.30 23.95
C ALA A 191 5.15 13.95 24.01
N ILE A 192 6.40 13.98 24.46
CA ILE A 192 7.19 12.77 24.61
C ILE A 192 8.01 12.93 25.90
N THR A 193 8.18 11.85 26.64
CA THR A 193 8.96 11.89 27.87
C THR A 193 10.18 10.98 27.71
N VAL A 194 11.36 11.59 27.71
CA VAL A 194 12.61 10.86 27.53
C VAL A 194 13.28 10.48 28.85
N PHE A 195 13.34 9.17 29.12
CA PHE A 195 13.95 8.63 30.33
C PHE A 195 15.41 8.31 30.02
N PRO A 196 16.20 7.94 31.05
CA PRO A 196 17.61 7.63 30.82
C PRO A 196 17.94 6.66 29.68
N GLN A 197 19.01 6.99 28.99
CA GLN A 197 19.52 6.26 27.84
C GLN A 197 20.23 4.97 28.24
N ARG A 198 20.42 4.09 27.26
CA ARG A 198 21.12 2.81 27.47
C ARG A 198 22.55 3.13 27.89
N ALA A 199 23.00 2.54 28.98
CA ALA A 199 24.36 2.74 29.48
C ALA A 199 25.01 1.36 29.60
N PRO A 200 26.22 1.20 29.03
CA PRO A 200 26.95 -0.07 29.07
C PRO A 200 27.15 -0.57 30.49
N GLY A 201 27.01 -1.87 30.68
CA GLY A 201 27.16 -2.46 32.00
C GLY A 201 26.13 -1.95 32.99
N ARG A 202 24.89 -1.85 32.53
CA ARG A 202 23.77 -1.36 33.34
C ARG A 202 22.49 -1.65 32.56
N GLY A 203 21.45 -2.07 33.27
CA GLY A 203 20.18 -2.39 32.64
C GLY A 203 19.44 -1.22 32.02
N ASP A 204 18.44 -1.53 31.21
CA ASP A 204 17.65 -0.52 30.51
C ASP A 204 16.43 -0.08 31.30
N PHE A 205 15.94 1.10 30.95
CA PHE A 205 14.72 1.65 31.53
C PHE A 205 13.70 1.19 30.51
N ARG A 206 12.70 0.43 30.94
CA ARG A 206 11.69 -0.08 30.03
C ARG A 206 10.26 0.04 30.52
N ILE A 207 9.36 0.32 29.60
CA ILE A 207 7.94 0.35 29.89
C ILE A 207 7.51 -0.92 29.16
N TRP A 208 7.07 -1.92 29.92
CA TRP A 208 6.65 -3.20 29.37
C TRP A 208 5.43 -3.12 28.48
N ASN A 209 4.51 -2.21 28.79
CA ASN A 209 3.30 -2.03 27.99
C ASN A 209 3.63 -1.40 26.65
N SER A 210 2.79 -1.68 25.65
CA SER A 210 2.95 -1.16 24.29
C SER A 210 2.52 0.31 24.24
N GLN A 211 1.44 0.63 24.96
CA GLN A 211 0.95 1.99 25.06
C GLN A 211 0.68 2.28 26.54
N LEU A 212 0.70 3.55 26.90
CA LEU A 212 0.45 3.96 28.27
C LEU A 212 -0.97 3.57 28.67
N VAL A 213 -1.89 3.66 27.72
CA VAL A 213 -3.28 3.31 27.97
C VAL A 213 -3.69 2.19 27.00
N ARG A 214 -4.08 1.03 27.54
CA ARG A 214 -4.48 -0.13 26.74
C ARG A 214 -5.62 -0.89 27.44
N TYR A 215 -6.39 -1.64 26.67
CA TYR A 215 -7.48 -2.42 27.24
C TYR A 215 -7.03 -3.87 27.40
N ALA A 216 -7.43 -4.47 28.51
CA ALA A 216 -7.08 -5.85 28.81
C ALA A 216 -7.71 -6.88 27.88
N GLY A 217 -6.96 -7.96 27.64
CA GLY A 217 -7.42 -9.05 26.78
C GLY A 217 -7.40 -10.33 27.60
N TYR A 218 -8.58 -10.79 27.97
CA TYR A 218 -8.74 -11.99 28.79
C TYR A 218 -8.95 -13.29 28.00
N ARG A 219 -7.99 -14.20 28.08
CA ARG A 219 -8.09 -15.48 27.38
C ARG A 219 -9.14 -16.40 28.03
N GLN A 220 -10.29 -16.51 27.40
CA GLN A 220 -11.42 -17.32 27.90
C GLN A 220 -11.14 -18.81 28.05
N GLN A 221 -12.17 -19.54 28.50
CA GLN A 221 -12.09 -20.98 28.70
C GLN A 221 -12.35 -21.70 27.37
N ASP A 222 -13.28 -21.15 26.59
CA ASP A 222 -13.61 -21.73 25.29
C ASP A 222 -12.56 -21.41 24.21
N GLY A 223 -11.50 -20.70 24.60
CA GLY A 223 -10.46 -20.34 23.67
C GLY A 223 -10.46 -18.90 23.19
N SER A 224 -11.63 -18.23 23.25
CA SER A 224 -11.76 -16.83 22.81
C SER A 224 -11.09 -15.78 23.71
N VAL A 225 -11.35 -14.51 23.45
CA VAL A 225 -10.76 -13.41 24.21
C VAL A 225 -11.76 -12.30 24.52
N ARG A 226 -11.92 -11.98 25.79
CA ARG A 226 -12.81 -10.90 26.20
C ARG A 226 -11.96 -9.62 26.27
N GLY A 227 -12.34 -8.63 25.48
CA GLY A 227 -11.58 -7.40 25.47
C GLY A 227 -10.80 -7.24 24.18
N ASP A 228 -9.52 -6.96 24.31
CA ASP A 228 -8.65 -6.71 23.17
C ASP A 228 -7.63 -7.84 23.03
N PRO A 229 -7.80 -8.69 22.00
CA PRO A 229 -6.91 -9.83 21.72
C PRO A 229 -5.45 -9.43 21.52
N ALA A 230 -5.22 -8.18 21.14
CA ALA A 230 -3.87 -7.68 20.92
C ALA A 230 -3.07 -7.64 22.22
N ASN A 231 -3.75 -7.24 23.29
CA ASN A 231 -3.15 -7.10 24.61
C ASN A 231 -3.20 -8.34 25.50
N VAL A 232 -3.28 -9.51 24.90
CA VAL A 232 -3.36 -10.74 25.68
C VAL A 232 -2.09 -11.11 26.45
N GLU A 233 -0.93 -10.93 25.85
CA GLU A 233 0.30 -11.28 26.54
C GLU A 233 0.59 -10.35 27.71
N ILE A 234 0.49 -9.05 27.46
CA ILE A 234 0.75 -8.07 28.51
C ILE A 234 -0.24 -8.25 29.65
N THR A 235 -1.49 -8.60 29.32
CA THR A 235 -2.51 -8.80 30.35
C THR A 235 -2.07 -9.93 31.28
N GLU A 236 -1.67 -11.05 30.70
CA GLU A 236 -1.22 -12.19 31.50
C GLU A 236 0.06 -11.87 32.25
N LEU A 237 0.85 -10.95 31.73
CA LEU A 237 2.09 -10.55 32.37
C LEU A 237 1.78 -9.71 33.61
N CYS A 238 0.77 -8.85 33.50
CA CYS A 238 0.39 -8.02 34.64
C CYS A 238 -0.14 -8.91 35.76
N ILE A 239 -0.91 -9.92 35.39
CA ILE A 239 -1.48 -10.85 36.35
C ILE A 239 -0.37 -11.59 37.09
N GLN A 240 0.59 -12.13 36.34
CA GLN A 240 1.72 -12.84 36.92
C GLN A 240 2.53 -11.93 37.85
N HIS A 241 2.35 -10.62 37.70
CA HIS A 241 3.08 -9.67 38.53
C HIS A 241 2.24 -9.03 39.64
N GLY A 242 1.18 -9.73 40.04
CA GLY A 242 0.34 -9.23 41.11
C GLY A 242 -0.92 -8.49 40.76
N TRP A 243 -1.20 -8.25 39.48
CA TRP A 243 -2.42 -7.52 39.13
C TRP A 243 -3.68 -8.36 39.35
N THR A 244 -4.68 -7.71 39.96
CA THR A 244 -5.95 -8.37 40.19
C THR A 244 -6.83 -8.00 38.99
N PRO A 245 -7.07 -8.98 38.11
CA PRO A 245 -7.87 -8.84 36.90
C PRO A 245 -9.34 -8.54 37.10
N GLY A 246 -9.94 -7.94 36.07
CA GLY A 246 -11.36 -7.64 36.06
C GLY A 246 -11.92 -8.55 34.98
N ASN A 247 -13.14 -8.30 34.51
CA ASN A 247 -13.70 -9.14 33.44
C ASN A 247 -14.66 -8.33 32.58
N GLY A 248 -14.09 -7.35 31.90
CA GLY A 248 -14.86 -6.49 31.03
C GLY A 248 -14.13 -6.43 29.71
N ARG A 249 -14.79 -5.87 28.69
CA ARG A 249 -14.17 -5.73 27.38
C ARG A 249 -13.20 -4.55 27.44
N PHE A 250 -13.60 -3.50 28.16
CA PHE A 250 -12.82 -2.27 28.24
C PHE A 250 -12.15 -1.93 29.57
N ASP A 251 -11.35 -2.86 30.09
CA ASP A 251 -10.66 -2.60 31.35
C ASP A 251 -9.29 -2.02 31.02
N VAL A 252 -8.96 -0.85 31.59
CA VAL A 252 -7.66 -0.24 31.34
C VAL A 252 -6.60 -1.01 32.12
N LEU A 253 -5.49 -1.32 31.45
CA LEU A 253 -4.41 -2.06 32.07
C LEU A 253 -3.51 -1.17 32.93
N PRO A 254 -2.85 -1.78 33.92
CA PRO A 254 -1.93 -1.08 34.82
C PRO A 254 -0.56 -1.09 34.15
N LEU A 255 0.28 -0.14 34.51
CA LEU A 255 1.61 -0.05 33.93
C LEU A 255 2.57 -0.97 34.65
N LEU A 256 3.47 -1.56 33.89
CA LEU A 256 4.46 -2.48 34.41
C LEU A 256 5.79 -1.79 34.05
N LEU A 257 6.19 -0.84 34.90
CA LEU A 257 7.41 -0.05 34.71
C LEU A 257 8.67 -0.68 35.27
N GLN A 258 9.77 -0.59 34.52
CA GLN A 258 11.03 -1.20 34.91
C GLN A 258 12.25 -0.26 34.94
N ALA A 259 12.99 -0.32 36.06
CA ALA A 259 14.20 0.47 36.25
C ALA A 259 15.40 -0.46 36.05
N PRO A 260 16.59 0.11 35.85
CA PRO A 260 17.79 -0.71 35.64
C PRO A 260 18.07 -1.87 36.59
N ASP A 261 18.20 -3.05 36.00
CA ASP A 261 18.54 -4.28 36.71
C ASP A 261 17.56 -4.73 37.78
N GLU A 262 16.38 -4.13 37.80
CA GLU A 262 15.35 -4.49 38.76
C GLU A 262 14.19 -5.09 38.00
N ALA A 263 13.44 -5.99 38.65
CA ALA A 263 12.27 -6.59 38.02
C ALA A 263 11.26 -5.46 37.89
N PRO A 264 10.31 -5.56 36.96
CA PRO A 264 9.32 -4.49 36.81
C PRO A 264 8.35 -4.36 37.97
N GLU A 265 7.98 -3.12 38.30
CA GLU A 265 7.03 -2.85 39.37
C GLU A 265 5.73 -2.41 38.73
N LEU A 266 4.64 -2.83 39.35
CA LEU A 266 3.30 -2.56 38.85
C LEU A 266 2.68 -1.29 39.44
N PHE A 267 2.10 -0.48 38.57
CA PHE A 267 1.48 0.77 38.97
C PHE A 267 0.13 0.89 38.31
N VAL A 268 -0.87 1.33 39.07
CA VAL A 268 -2.23 1.49 38.57
C VAL A 268 -2.57 2.96 38.36
N LEU A 269 -2.94 3.29 37.14
CA LEU A 269 -3.28 4.67 36.80
C LEU A 269 -4.59 5.12 37.41
N PRO A 270 -4.60 6.33 37.99
CA PRO A 270 -5.80 6.93 38.60
C PRO A 270 -6.87 7.09 37.52
N PRO A 271 -8.03 6.48 37.72
CA PRO A 271 -9.13 6.58 36.75
C PRO A 271 -9.40 7.99 36.20
N GLU A 272 -9.19 9.01 37.02
CA GLU A 272 -9.43 10.39 36.60
C GLU A 272 -8.42 10.87 35.55
N LEU A 273 -7.24 10.26 35.54
CA LEU A 273 -6.20 10.62 34.58
C LEU A 273 -6.43 10.01 33.20
N VAL A 274 -7.21 8.94 33.13
CA VAL A 274 -7.49 8.25 31.87
C VAL A 274 -8.82 8.66 31.27
N LEU A 275 -8.81 9.69 30.43
CA LEU A 275 -10.02 10.17 29.76
C LEU A 275 -10.46 9.19 28.68
N GLU A 276 -11.75 8.83 28.70
CA GLU A 276 -12.32 7.91 27.74
C GLU A 276 -13.53 8.53 27.10
N VAL A 277 -13.92 7.98 25.96
CA VAL A 277 -15.08 8.49 25.22
C VAL A 277 -16.07 7.38 24.89
N PRO A 278 -17.30 7.49 25.42
CA PRO A 278 -18.33 6.48 25.15
C PRO A 278 -18.82 6.74 23.73
N LEU A 279 -18.78 5.71 22.90
CA LEU A 279 -19.21 5.84 21.52
C LEU A 279 -20.72 5.76 21.28
N GLU A 280 -21.22 6.69 20.47
CA GLU A 280 -22.62 6.72 20.08
C GLU A 280 -22.68 7.18 18.62
N HIS A 281 -23.80 6.91 17.95
CA HIS A 281 -23.96 7.30 16.55
C HIS A 281 -24.87 8.53 16.47
N PRO A 282 -24.62 9.41 15.49
CA PRO A 282 -25.43 10.62 15.33
C PRO A 282 -26.88 10.42 14.94
N THR A 283 -27.18 9.26 14.38
CA THR A 283 -28.54 8.94 13.93
C THR A 283 -29.05 7.59 14.44
N LEU A 284 -28.20 6.57 14.40
CA LEU A 284 -28.56 5.24 14.86
C LEU A 284 -28.50 5.21 16.39
N GLU A 285 -29.66 5.45 17.00
CA GLU A 285 -29.81 5.51 18.45
C GLU A 285 -29.38 4.26 19.21
N TRP A 286 -29.38 3.11 18.54
CA TRP A 286 -29.01 1.87 19.16
C TRP A 286 -27.51 1.67 19.31
N PHE A 287 -26.72 2.47 18.60
CA PHE A 287 -25.27 2.32 18.66
C PHE A 287 -24.79 2.53 20.08
N ALA A 288 -25.41 3.48 20.78
CA ALA A 288 -25.06 3.82 22.16
C ALA A 288 -25.18 2.60 23.07
N ALA A 289 -26.27 1.85 22.89
CA ALA A 289 -26.52 0.66 23.68
C ALA A 289 -25.51 -0.46 23.53
N LEU A 290 -24.58 -0.32 22.58
CA LEU A 290 -23.56 -1.34 22.36
C LEU A 290 -22.46 -1.32 23.41
N GLY A 291 -22.41 -0.24 24.19
CA GLY A 291 -21.41 -0.12 25.24
C GLY A 291 -19.99 -0.08 24.75
N LEU A 292 -19.77 0.55 23.60
CA LEU A 292 -18.43 0.66 23.03
C LEU A 292 -17.79 1.97 23.47
N ARG A 293 -16.47 1.96 23.61
CA ARG A 293 -15.75 3.15 24.03
C ARG A 293 -14.27 3.09 23.70
N TRP A 294 -13.62 4.24 23.77
CA TRP A 294 -12.18 4.28 23.52
C TRP A 294 -11.51 5.40 24.32
N TYR A 295 -10.25 5.20 24.65
CA TYR A 295 -9.49 6.19 25.37
C TYR A 295 -9.02 7.28 24.41
N ALA A 296 -9.04 8.52 24.87
CA ALA A 296 -8.66 9.64 24.04
C ALA A 296 -7.18 9.82 23.70
N LEU A 297 -6.29 9.29 24.55
CA LEU A 297 -4.85 9.47 24.36
C LEU A 297 -4.03 8.29 23.82
N PRO A 298 -3.49 8.46 22.61
CA PRO A 298 -2.68 7.40 22.02
C PRO A 298 -1.22 7.60 22.35
N ALA A 299 -0.64 6.73 23.19
CA ALA A 299 0.75 6.88 23.58
C ALA A 299 1.64 5.66 23.45
N VAL A 300 2.29 5.51 22.31
CA VAL A 300 3.19 4.39 22.09
C VAL A 300 4.28 4.51 23.15
N SER A 301 4.65 3.40 23.77
CA SER A 301 5.61 3.41 24.85
C SER A 301 6.67 2.32 24.79
N ASN A 302 6.59 1.50 23.77
CA ASN A 302 7.55 0.42 23.63
C ASN A 302 8.61 0.69 22.56
N MET A 303 8.47 1.82 21.86
CA MET A 303 9.43 2.18 20.83
C MET A 303 10.72 2.84 21.34
N LEU A 304 11.83 2.49 20.71
CA LEU A 304 13.14 3.03 21.07
C LEU A 304 13.44 4.32 20.31
N LEU A 305 13.94 5.33 21.02
CA LEU A 305 14.29 6.61 20.39
C LEU A 305 15.80 6.66 20.22
N GLU A 306 16.25 6.79 18.97
CA GLU A 306 17.68 6.83 18.67
C GLU A 306 18.09 8.22 18.20
N ILE A 307 19.07 8.80 18.88
CA ILE A 307 19.56 10.13 18.57
C ILE A 307 21.09 10.08 18.64
N GLY A 308 21.73 10.37 17.52
CA GLY A 308 23.18 10.38 17.44
C GLY A 308 23.90 9.16 17.95
N GLY A 309 23.27 7.99 17.84
CA GLY A 309 23.89 6.77 18.31
C GLY A 309 23.47 6.40 19.72
N LEU A 310 22.87 7.35 20.43
CA LEU A 310 22.41 7.11 21.80
C LEU A 310 21.02 6.52 21.73
N GLU A 311 20.79 5.51 22.56
CA GLU A 311 19.51 4.82 22.58
C GLU A 311 18.69 5.06 23.82
N PHE A 312 17.47 5.55 23.64
CA PHE A 312 16.58 5.79 24.75
C PHE A 312 15.50 4.73 24.76
N SER A 313 15.81 3.60 25.39
CA SER A 313 14.92 2.44 25.49
C SER A 313 13.49 2.67 26.03
N ALA A 314 13.27 3.81 26.69
CA ALA A 314 11.95 4.13 27.23
C ALA A 314 11.77 5.61 26.98
N ALA A 315 10.79 5.94 26.14
CA ALA A 315 10.53 7.32 25.77
C ALA A 315 9.18 7.42 25.10
N PRO A 316 8.10 7.20 25.85
CA PRO A 316 6.72 7.26 25.32
C PRO A 316 6.37 8.62 24.73
N PHE A 317 5.70 8.58 23.59
CA PHE A 317 5.26 9.79 22.90
C PHE A 317 3.75 9.69 22.67
N SER A 318 3.09 10.81 22.44
CA SER A 318 1.66 10.80 22.22
C SER A 318 1.21 12.01 21.46
N GLY A 319 0.10 11.86 20.74
CA GLY A 319 -0.46 12.95 19.97
C GLY A 319 -1.95 12.82 20.11
N TRP A 320 -2.62 12.69 18.97
CA TRP A 320 -4.07 12.47 18.96
C TRP A 320 -4.39 11.51 17.82
N TYR A 321 -5.52 10.82 17.95
CA TYR A 321 -5.95 9.83 16.96
C TYR A 321 -6.50 10.36 15.65
N MET A 322 -6.37 9.53 14.62
CA MET A 322 -6.99 9.80 13.35
C MET A 322 -8.15 8.79 13.49
N SER A 323 -9.34 9.20 13.11
CA SER A 323 -10.52 8.36 13.25
C SER A 323 -10.44 6.89 12.85
N THR A 324 -9.78 6.59 11.73
CA THR A 324 -9.68 5.20 11.27
C THR A 324 -8.91 4.26 12.18
N GLU A 325 -8.04 4.81 13.03
CA GLU A 325 -7.26 3.98 13.96
C GLU A 325 -8.16 3.27 14.97
N ILE A 326 -9.21 3.97 15.40
CA ILE A 326 -10.16 3.43 16.36
C ILE A 326 -11.29 2.72 15.64
N GLY A 327 -12.02 3.48 14.83
CA GLY A 327 -13.16 2.96 14.11
C GLY A 327 -12.95 1.88 13.08
N THR A 328 -11.73 1.70 12.60
CA THR A 328 -11.48 0.69 11.59
C THR A 328 -10.50 -0.37 12.06
N ARG A 329 -9.29 0.04 12.41
CA ARG A 329 -8.32 -0.93 12.85
C ARG A 329 -8.63 -1.54 14.21
N ASN A 330 -8.82 -0.70 15.23
CA ASN A 330 -9.08 -1.19 16.57
C ASN A 330 -10.41 -1.89 16.75
N LEU A 331 -11.48 -1.29 16.24
CA LEU A 331 -12.81 -1.84 16.38
C LEU A 331 -13.22 -2.90 15.35
N CYS A 332 -12.76 -2.76 14.10
CA CYS A 332 -13.16 -3.70 13.07
C CYS A 332 -12.18 -4.76 12.60
N ASP A 333 -10.91 -4.71 13.02
CA ASP A 333 -9.97 -5.73 12.59
C ASP A 333 -10.41 -7.09 13.08
N PRO A 334 -10.15 -8.15 12.29
CA PRO A 334 -10.52 -9.52 12.62
C PRO A 334 -9.92 -9.97 13.96
N HIS A 335 -8.67 -9.57 14.18
CA HIS A 335 -7.91 -9.93 15.37
C HIS A 335 -7.95 -8.91 16.51
N ARG A 336 -8.95 -8.03 16.47
CA ARG A 336 -9.13 -7.01 17.51
C ARG A 336 -10.57 -7.10 18.03
N TYR A 337 -11.30 -5.99 18.09
CA TYR A 337 -12.67 -6.02 18.58
C TYR A 337 -13.66 -6.69 17.63
N ASN A 338 -13.27 -6.81 16.35
CA ASN A 338 -14.08 -7.49 15.35
C ASN A 338 -15.57 -7.25 15.50
N ILE A 339 -15.98 -6.00 15.62
CA ILE A 339 -17.40 -5.72 15.84
C ILE A 339 -18.19 -5.47 14.55
N LEU A 340 -17.56 -5.74 13.41
CA LEU A 340 -18.20 -5.51 12.12
C LEU A 340 -19.54 -6.23 11.97
N GLU A 341 -19.55 -7.52 12.26
CA GLU A 341 -20.76 -8.33 12.14
C GLU A 341 -21.89 -7.91 13.06
N ASP A 342 -21.58 -7.59 14.32
CA ASP A 342 -22.59 -7.18 15.29
C ASP A 342 -23.30 -5.93 14.79
N VAL A 343 -22.52 -4.97 14.30
CA VAL A 343 -23.09 -3.72 13.81
C VAL A 343 -23.89 -3.96 12.53
N ALA A 344 -23.42 -4.88 11.69
CA ALA A 344 -24.11 -5.22 10.44
C ALA A 344 -25.49 -5.77 10.78
N VAL A 345 -25.54 -6.70 11.73
CA VAL A 345 -26.79 -7.29 12.19
C VAL A 345 -27.73 -6.17 12.68
N CYS A 346 -27.24 -5.30 13.55
CA CYS A 346 -28.06 -4.19 14.07
C CYS A 346 -28.57 -3.31 12.95
N MET A 347 -27.79 -3.20 11.89
CA MET A 347 -28.18 -2.38 10.74
C MET A 347 -29.08 -3.17 9.80
N ASP A 348 -29.19 -4.47 10.05
CA ASP A 348 -30.02 -5.38 9.28
C ASP A 348 -29.56 -5.50 7.83
N LEU A 349 -28.28 -5.80 7.65
CA LEU A 349 -27.70 -5.92 6.34
C LEU A 349 -27.51 -7.41 6.05
N ASP A 350 -27.51 -7.79 4.78
CA ASP A 350 -27.33 -9.18 4.40
C ASP A 350 -25.88 -9.60 4.65
N THR A 351 -25.63 -10.17 5.82
CA THR A 351 -24.28 -10.60 6.18
C THR A 351 -23.92 -11.99 5.65
N ARG A 352 -24.78 -12.52 4.78
CA ARG A 352 -24.57 -13.84 4.20
C ARG A 352 -23.86 -13.75 2.85
N THR A 353 -23.97 -12.60 2.19
CA THR A 353 -23.34 -12.38 0.89
C THR A 353 -22.42 -11.16 0.85
N THR A 354 -21.23 -11.34 0.29
CA THR A 354 -20.24 -10.27 0.17
C THR A 354 -20.68 -9.11 -0.72
N SER A 355 -21.39 -9.42 -1.81
CA SER A 355 -21.82 -8.40 -2.75
C SER A 355 -22.81 -7.36 -2.23
N SER A 356 -23.15 -7.47 -0.96
CA SER A 356 -24.07 -6.49 -0.36
C SER A 356 -23.24 -5.36 0.29
N LEU A 357 -21.94 -5.61 0.42
CA LEU A 357 -21.00 -4.65 1.00
C LEU A 357 -21.42 -4.27 2.42
N TRP A 358 -21.84 -5.28 3.19
CA TRP A 358 -22.28 -5.05 4.54
C TRP A 358 -21.11 -4.62 5.42
N LYS A 359 -19.92 -5.09 5.07
CA LYS A 359 -18.72 -4.75 5.81
C LYS A 359 -18.34 -3.29 5.59
N ASP A 360 -18.62 -2.81 4.38
CA ASP A 360 -18.32 -1.44 4.01
C ASP A 360 -19.28 -0.48 4.68
N LYS A 361 -20.56 -0.83 4.65
CA LYS A 361 -21.62 -0.01 5.24
C LYS A 361 -21.49 0.15 6.75
N ALA A 362 -21.18 -0.95 7.44
CA ALA A 362 -21.02 -0.95 8.88
C ALA A 362 -19.80 -0.14 9.28
N ALA A 363 -18.68 -0.41 8.64
CA ALA A 363 -17.44 0.31 8.94
C ALA A 363 -17.59 1.82 8.78
N VAL A 364 -18.33 2.25 7.76
CA VAL A 364 -18.52 3.68 7.58
C VAL A 364 -19.28 4.24 8.77
N GLU A 365 -20.34 3.55 9.20
CA GLU A 365 -21.13 4.02 10.33
C GLU A 365 -20.39 3.94 11.66
N ILE A 366 -19.44 3.02 11.76
CA ILE A 366 -18.66 2.88 12.98
C ILE A 366 -17.64 4.03 13.07
N ASN A 367 -16.98 4.35 11.95
CA ASN A 367 -16.03 5.46 11.93
C ASN A 367 -16.78 6.75 12.21
N LEU A 368 -17.97 6.89 11.63
CA LEU A 368 -18.77 8.07 11.85
C LEU A 368 -19.12 8.17 13.34
N ALA A 369 -19.18 7.03 14.02
CA ALA A 369 -19.50 7.02 15.44
C ALA A 369 -18.33 7.55 16.28
N VAL A 370 -17.12 7.14 15.92
CA VAL A 370 -15.91 7.57 16.61
C VAL A 370 -15.76 9.08 16.47
N LEU A 371 -15.95 9.58 15.24
CA LEU A 371 -15.86 11.01 14.97
C LEU A 371 -16.88 11.79 15.77
N HIS A 372 -18.13 11.37 15.71
CA HIS A 372 -19.21 12.03 16.42
C HIS A 372 -19.05 12.06 17.93
N SER A 373 -18.69 10.92 18.51
CA SER A 373 -18.50 10.80 19.94
C SER A 373 -17.39 11.70 20.49
N PHE A 374 -16.28 11.79 19.76
CA PHE A 374 -15.14 12.62 20.13
C PHE A 374 -15.45 14.11 19.95
N GLN A 375 -16.09 14.46 18.84
CA GLN A 375 -16.45 15.85 18.56
C GLN A 375 -17.45 16.38 19.58
N LEU A 376 -18.19 15.47 20.20
CA LEU A 376 -19.21 15.80 21.20
C LEU A 376 -18.56 16.00 22.56
N ALA A 377 -17.71 15.04 22.93
CA ALA A 377 -16.99 15.08 24.19
C ALA A 377 -15.87 16.12 24.18
N LYS A 378 -15.81 16.90 23.10
CA LYS A 378 -14.78 17.95 22.95
C LYS A 378 -13.35 17.41 23.10
N VAL A 379 -13.13 16.19 22.61
CA VAL A 379 -11.83 15.56 22.64
C VAL A 379 -11.27 15.63 21.22
N THR A 380 -9.96 15.81 21.12
CA THR A 380 -9.29 15.96 19.85
C THR A 380 -9.20 14.72 18.99
N ILE A 381 -9.61 14.89 17.73
CA ILE A 381 -9.57 13.81 16.75
C ILE A 381 -9.53 14.39 15.33
N VAL A 382 -8.90 13.65 14.42
CA VAL A 382 -8.84 14.07 13.02
C VAL A 382 -9.27 12.90 12.11
N ASP A 383 -10.14 13.19 11.14
CA ASP A 383 -10.60 12.16 10.23
C ASP A 383 -9.54 11.90 9.14
N HIS A 384 -9.66 10.76 8.45
CA HIS A 384 -8.71 10.37 7.42
C HIS A 384 -8.63 11.30 6.21
N HIS A 385 -9.67 12.07 5.98
CA HIS A 385 -9.65 13.01 4.87
C HIS A 385 -8.76 14.19 5.22
N ALA A 386 -9.15 14.93 6.25
CA ALA A 386 -8.41 16.08 6.74
C ALA A 386 -6.96 15.70 7.04
N ALA A 387 -6.78 14.50 7.58
CA ALA A 387 -5.45 14.00 7.95
C ALA A 387 -4.50 13.84 6.76
N THR A 388 -4.99 13.23 5.69
CA THR A 388 -4.20 13.00 4.47
C THR A 388 -3.99 14.31 3.70
N VAL A 389 -5.03 15.14 3.63
CA VAL A 389 -4.94 16.45 2.98
C VAL A 389 -3.84 17.29 3.63
N SER A 390 -3.73 17.21 4.95
CA SER A 390 -2.72 17.96 5.68
C SER A 390 -1.33 17.35 5.47
N PHE A 391 -1.27 16.05 5.25
CA PHE A 391 0.02 15.39 5.03
C PHE A 391 0.57 15.75 3.67
N MET A 392 -0.33 16.05 2.73
CA MET A 392 0.08 16.44 1.38
C MET A 392 0.75 17.79 1.50
N LYS A 393 0.20 18.65 2.34
CA LYS A 393 0.73 19.99 2.60
C LYS A 393 2.09 19.86 3.25
N HIS A 394 2.22 18.86 4.13
CA HIS A 394 3.48 18.57 4.81
C HIS A 394 4.52 18.12 3.81
N LEU A 395 4.06 17.42 2.76
CA LEU A 395 4.93 16.92 1.70
C LEU A 395 5.49 18.06 0.84
N ASP A 396 4.69 19.10 0.61
CA ASP A 396 5.14 20.27 -0.14
C ASP A 396 6.22 20.95 0.72
N ASN A 397 5.87 21.18 1.99
CA ASN A 397 6.75 21.82 2.96
C ASN A 397 8.10 21.13 2.97
N GLU A 398 8.10 19.81 3.13
CA GLU A 398 9.34 19.04 3.18
C GLU A 398 10.13 18.98 1.86
N GLN A 399 9.44 19.10 0.73
CA GLN A 399 10.10 19.06 -0.57
C GLN A 399 11.01 20.29 -0.62
N LYS A 400 10.44 21.45 -0.28
CA LYS A 400 11.17 22.69 -0.26
C LYS A 400 12.30 22.70 0.78
N ALA A 401 12.01 22.21 1.99
CA ALA A 401 12.99 22.17 3.09
C ALA A 401 14.11 21.15 3.02
N ARG A 402 13.80 19.90 2.67
CA ARG A 402 14.82 18.86 2.62
C ARG A 402 14.94 18.13 1.29
N GLY A 403 14.04 18.43 0.36
CA GLY A 403 14.05 17.77 -0.93
C GLY A 403 13.53 16.35 -0.83
N GLY A 404 12.35 16.19 -0.22
CA GLY A 404 11.78 14.87 -0.06
C GLY A 404 11.30 14.59 1.35
N CYS A 405 10.61 13.47 1.54
CA CYS A 405 10.07 13.06 2.82
C CYS A 405 9.89 11.55 2.84
N PRO A 406 10.65 10.84 3.69
CA PRO A 406 10.54 9.37 3.77
C PRO A 406 9.10 8.98 4.16
N ALA A 407 8.40 8.30 3.27
CA ALA A 407 7.02 7.90 3.53
C ALA A 407 6.71 6.45 3.15
N ASP A 408 6.01 5.76 4.05
CA ASP A 408 5.61 4.36 3.90
C ASP A 408 4.16 4.37 3.42
N TRP A 409 4.00 4.27 2.10
CA TRP A 409 2.71 4.32 1.43
C TRP A 409 1.57 3.48 2.04
N ALA A 410 1.83 2.20 2.29
CA ALA A 410 0.83 1.28 2.85
C ALA A 410 0.30 1.76 4.20
N TRP A 411 1.13 2.50 4.94
CA TRP A 411 0.76 3.04 6.26
C TRP A 411 0.16 4.44 6.20
N ILE A 412 0.50 5.20 5.18
CA ILE A 412 -0.02 6.55 5.03
C ILE A 412 -1.46 6.54 4.54
N VAL A 413 -1.82 5.58 3.70
CA VAL A 413 -3.18 5.50 3.18
C VAL A 413 -4.09 4.90 4.26
N PRO A 414 -5.26 5.52 4.52
CA PRO A 414 -6.20 5.02 5.54
C PRO A 414 -6.71 3.62 5.19
N PRO A 415 -7.03 2.80 6.21
CA PRO A 415 -7.52 1.43 6.07
C PRO A 415 -8.91 1.32 5.40
N ILE A 416 -9.55 2.47 5.17
CA ILE A 416 -10.81 2.54 4.47
C ILE A 416 -10.70 3.71 3.49
N SER A 417 -11.63 3.79 2.54
CA SER A 417 -11.64 4.85 1.56
C SER A 417 -10.30 5.32 0.96
N GLY A 418 -9.35 4.40 0.84
CA GLY A 418 -8.04 4.73 0.28
C GLY A 418 -7.91 5.70 -0.89
N SER A 419 -8.46 5.35 -2.05
CA SER A 419 -8.36 6.22 -3.21
C SER A 419 -9.22 7.47 -3.14
N LEU A 420 -9.99 7.59 -2.07
CA LEU A 420 -10.83 8.77 -1.88
C LEU A 420 -9.99 9.88 -1.25
N THR A 421 -8.80 9.53 -0.77
CA THR A 421 -7.89 10.49 -0.15
C THR A 421 -6.76 10.79 -1.13
N PRO A 422 -6.26 12.03 -1.13
CA PRO A 422 -5.19 12.47 -2.04
C PRO A 422 -3.86 11.70 -1.97
N VAL A 423 -3.52 11.16 -0.80
CA VAL A 423 -2.26 10.44 -0.62
C VAL A 423 -2.12 9.16 -1.43
N PHE A 424 -3.27 8.54 -1.73
CA PHE A 424 -3.31 7.30 -2.49
C PHE A 424 -2.61 7.49 -3.83
N HIS A 425 -2.90 8.64 -4.46
CA HIS A 425 -2.37 9.00 -5.77
C HIS A 425 -0.97 9.62 -5.73
N GLN A 426 -0.36 9.62 -4.56
CA GLN A 426 0.96 10.18 -4.38
C GLN A 426 1.98 9.08 -4.24
N GLU A 427 2.93 9.02 -5.17
CA GLU A 427 3.97 8.02 -5.07
C GLU A 427 4.84 8.48 -3.92
N MET A 428 5.51 7.52 -3.28
CA MET A 428 6.34 7.81 -2.13
C MET A 428 7.61 6.98 -2.12
N VAL A 429 8.67 7.56 -1.59
CA VAL A 429 9.97 6.89 -1.46
C VAL A 429 10.13 6.66 0.05
N ASN A 430 10.53 5.46 0.43
CA ASN A 430 10.71 5.12 1.84
C ASN A 430 12.15 4.75 2.16
N TYR A 431 12.66 5.33 3.25
CA TYR A 431 14.03 5.12 3.71
C TYR A 431 14.16 5.52 5.19
N ILE A 432 15.27 5.13 5.81
CA ILE A 432 15.51 5.41 7.23
C ILE A 432 16.48 6.55 7.48
N LEU A 433 16.02 7.57 8.19
CA LEU A 433 16.85 8.72 8.54
C LEU A 433 16.94 8.78 10.07
N SER A 434 18.10 9.18 10.58
CA SER A 434 18.33 9.30 12.01
C SER A 434 18.45 10.78 12.37
N PRO A 435 17.94 11.20 13.55
CA PRO A 435 17.26 10.44 14.63
C PRO A 435 16.02 9.68 14.18
N ALA A 436 15.63 8.68 14.96
CA ALA A 436 14.46 7.90 14.61
C ALA A 436 13.85 7.06 15.71
N PHE A 437 12.59 6.72 15.53
CA PHE A 437 11.86 5.84 16.42
C PHE A 437 11.94 4.45 15.77
N ARG A 438 12.59 3.52 16.46
CA ARG A 438 12.76 2.14 15.97
C ARG A 438 12.05 1.13 16.89
N TYR A 439 11.79 -0.06 16.37
CA TYR A 439 11.15 -1.11 17.17
C TYR A 439 12.26 -1.76 17.97
N GLN A 440 11.92 -2.42 19.07
CA GLN A 440 12.94 -3.07 19.88
C GLN A 440 12.30 -4.30 20.50
N PRO A 441 13.11 -5.29 20.89
CA PRO A 441 12.56 -6.52 21.49
C PRO A 441 11.86 -6.24 22.80
N ASP A 442 10.93 -7.13 23.15
CA ASP A 442 10.19 -7.05 24.41
C ASP A 442 11.17 -7.37 25.52
N PRO A 443 11.10 -6.63 26.65
CA PRO A 443 12.01 -6.86 27.77
C PRO A 443 12.00 -8.26 28.40
N TRP A 444 10.91 -9.00 28.22
CA TRP A 444 10.83 -10.35 28.77
C TRP A 444 11.43 -11.39 27.82
N LYS B 31 18.30 -14.42 3.61
CA LYS B 31 18.15 -14.64 2.13
C LYS B 31 16.69 -14.86 1.79
N PHE B 32 16.08 -15.87 2.40
CA PHE B 32 14.67 -16.15 2.15
C PHE B 32 13.80 -15.37 3.12
N PRO B 33 13.02 -14.40 2.58
CA PRO B 33 12.11 -13.54 3.34
C PRO B 33 11.03 -14.24 4.15
N ARG B 34 10.99 -13.93 5.44
CA ARG B 34 10.01 -14.47 6.36
C ARG B 34 8.79 -13.59 6.15
N VAL B 35 7.70 -14.19 5.71
CA VAL B 35 6.47 -13.46 5.45
C VAL B 35 5.45 -13.84 6.53
N LYS B 36 4.60 -12.89 6.91
CA LYS B 36 3.63 -13.14 7.95
C LYS B 36 2.25 -12.58 7.70
N ASN B 37 1.24 -13.30 8.20
CA ASN B 37 -0.15 -12.85 8.12
C ASN B 37 -0.48 -12.44 9.56
N TRP B 38 -0.74 -11.15 9.77
CA TRP B 38 -1.05 -10.61 11.09
C TRP B 38 -2.42 -10.94 11.65
N GLU B 39 -3.32 -11.43 10.80
CA GLU B 39 -4.66 -11.79 11.24
C GLU B 39 -4.73 -13.20 11.84
N LEU B 40 -3.86 -14.08 11.33
CA LEU B 40 -3.84 -15.47 11.77
C LEU B 40 -2.53 -15.77 12.46
N GLY B 41 -1.58 -14.85 12.38
CA GLY B 41 -0.30 -15.06 13.01
C GLY B 41 0.51 -16.15 12.33
N SER B 42 0.10 -16.56 11.14
CA SER B 42 0.81 -17.60 10.40
C SER B 42 2.06 -17.04 9.71
N ILE B 43 3.01 -17.93 9.45
CA ILE B 43 4.28 -17.54 8.83
C ILE B 43 4.69 -18.50 7.71
N THR B 44 5.31 -17.96 6.66
CA THR B 44 5.79 -18.73 5.50
C THR B 44 7.08 -18.10 4.98
N TYR B 45 7.97 -18.90 4.40
CA TYR B 45 9.21 -18.36 3.84
C TYR B 45 9.12 -18.39 2.31
N ASP B 46 9.28 -17.24 1.66
CA ASP B 46 9.21 -17.16 0.21
C ASP B 46 10.56 -17.54 -0.40
N THR B 47 10.60 -18.69 -1.08
CA THR B 47 11.83 -19.15 -1.73
C THR B 47 11.76 -18.95 -3.24
N LEU B 48 10.57 -18.62 -3.73
CA LEU B 48 10.35 -18.41 -5.15
C LEU B 48 11.08 -17.16 -5.64
N CYS B 49 11.31 -16.20 -4.76
CA CYS B 49 11.98 -14.95 -5.12
C CYS B 49 13.41 -15.17 -5.63
N ALA B 50 14.01 -16.29 -5.24
CA ALA B 50 15.37 -16.66 -5.64
C ALA B 50 15.47 -16.94 -7.16
N GLN B 51 14.32 -17.12 -7.80
CA GLN B 51 14.31 -17.40 -9.24
C GLN B 51 14.20 -16.12 -10.05
N SER B 52 14.02 -14.98 -9.37
CA SER B 52 13.94 -13.69 -10.06
C SER B 52 15.29 -13.33 -10.67
N GLN B 53 15.26 -12.90 -11.93
CA GLN B 53 16.47 -12.54 -12.66
C GLN B 53 16.44 -11.09 -13.10
N GLN B 54 15.26 -10.49 -13.05
CA GLN B 54 15.09 -9.09 -13.42
C GLN B 54 15.00 -8.26 -12.15
N ASP B 55 15.59 -7.07 -12.21
CA ASP B 55 15.61 -6.16 -11.07
C ASP B 55 14.45 -5.17 -11.04
N GLY B 56 14.09 -4.77 -9.83
CA GLY B 56 13.03 -3.80 -9.62
C GLY B 56 13.64 -2.43 -9.31
N PRO B 57 12.83 -1.44 -8.93
CA PRO B 57 13.36 -0.11 -8.63
C PRO B 57 14.01 0.05 -7.23
N CYS B 58 13.76 -0.92 -6.35
CA CYS B 58 14.27 -0.89 -4.99
C CYS B 58 15.76 -1.18 -4.84
N THR B 59 16.32 -0.64 -3.76
CA THR B 59 17.73 -0.81 -3.36
C THR B 59 17.69 -0.76 -1.84
N PRO B 60 18.78 -1.18 -1.16
CA PRO B 60 18.79 -1.15 0.31
C PRO B 60 18.70 0.29 0.90
N ARG B 61 19.10 1.29 0.11
CA ARG B 61 19.04 2.68 0.55
C ARG B 61 17.59 3.18 0.60
N ARG B 62 16.77 2.79 -0.37
CA ARG B 62 15.37 3.20 -0.39
C ARG B 62 14.47 2.25 -1.18
N CYS B 63 13.18 2.32 -0.88
CA CYS B 63 12.17 1.49 -1.53
C CYS B 63 11.32 2.36 -2.44
N LEU B 64 11.18 1.93 -3.69
CA LEU B 64 10.35 2.64 -4.66
C LEU B 64 9.17 1.78 -5.10
N GLY B 65 8.79 0.79 -4.29
CA GLY B 65 7.69 -0.10 -4.63
C GLY B 65 6.32 0.52 -4.90
N SER B 66 6.09 1.74 -4.44
CA SER B 66 4.81 2.41 -4.64
C SER B 66 4.80 3.17 -5.95
N LEU B 67 5.89 3.04 -6.70
CA LEU B 67 6.00 3.71 -7.98
C LEU B 67 5.31 2.83 -9.02
N VAL B 68 4.38 3.45 -9.75
CA VAL B 68 3.62 2.77 -10.79
C VAL B 68 4.45 2.19 -11.92
N LEU B 69 5.26 3.01 -12.58
CA LEU B 69 6.08 2.50 -13.66
C LEU B 69 7.43 3.16 -13.81
N PRO B 70 8.47 2.55 -13.22
CA PRO B 70 9.83 3.10 -13.31
C PRO B 70 10.37 2.84 -14.71
N ARG B 71 11.26 3.70 -15.19
CA ARG B 71 11.85 3.55 -16.53
C ARG B 71 12.71 2.28 -16.64
N LYS B 72 12.92 1.62 -15.50
CA LYS B 72 13.70 0.39 -15.40
C LYS B 72 13.03 -0.85 -16.02
N LEU B 73 12.04 -1.42 -15.32
CA LEU B 73 11.29 -2.61 -15.76
C LEU B 73 10.68 -2.52 -17.17
N GLN B 74 10.35 -1.30 -17.58
CA GLN B 74 9.74 -0.99 -18.88
C GLN B 74 10.59 -1.42 -20.08
N THR B 75 9.98 -2.25 -20.94
CA THR B 75 10.64 -2.74 -22.15
C THR B 75 10.52 -1.73 -23.30
N ARG B 76 11.49 -0.81 -23.37
CA ARG B 76 11.54 0.23 -24.41
C ARG B 76 12.18 -0.32 -25.71
N PRO B 77 12.05 0.41 -26.82
CA PRO B 77 12.63 -0.05 -28.09
C PRO B 77 14.16 -0.28 -27.99
N SER B 78 14.75 -0.83 -29.04
CA SER B 78 16.19 -1.12 -29.04
C SER B 78 16.94 -0.64 -30.29
N PRO B 79 18.27 -0.47 -30.19
CA PRO B 79 19.12 -0.02 -31.32
C PRO B 79 19.56 -1.17 -32.25
N GLY B 80 18.98 -2.35 -32.04
CA GLY B 80 19.32 -3.51 -32.86
C GLY B 80 18.86 -4.83 -32.24
N PRO B 81 19.49 -5.96 -32.64
CA PRO B 81 19.21 -7.32 -32.15
C PRO B 81 19.81 -7.61 -30.76
N PRO B 82 19.02 -8.22 -29.85
CA PRO B 82 19.46 -8.56 -28.50
C PRO B 82 20.66 -9.54 -28.49
N PRO B 83 21.55 -9.44 -27.48
CA PRO B 83 22.71 -10.33 -27.41
C PRO B 83 22.30 -11.80 -27.46
N ALA B 84 22.79 -12.52 -28.46
CA ALA B 84 22.49 -13.93 -28.65
C ALA B 84 22.69 -14.73 -27.36
N GLU B 85 23.75 -14.42 -26.63
CA GLU B 85 24.07 -15.08 -25.36
C GLU B 85 22.93 -14.95 -24.37
N GLN B 86 22.46 -13.72 -24.20
CA GLN B 86 21.37 -13.43 -23.28
C GLN B 86 20.05 -14.06 -23.74
N LEU B 87 19.67 -13.83 -25.00
CA LEU B 87 18.43 -14.41 -25.54
C LEU B 87 18.45 -15.91 -25.41
N LEU B 88 19.57 -16.52 -25.78
CA LEU B 88 19.69 -17.97 -25.71
C LEU B 88 19.46 -18.49 -24.30
N SER B 89 19.96 -17.78 -23.29
CA SER B 89 19.80 -18.22 -21.90
C SER B 89 18.36 -18.07 -21.36
N GLN B 90 17.67 -17.03 -21.80
CA GLN B 90 16.28 -16.80 -21.39
C GLN B 90 15.39 -17.80 -22.13
N ALA B 91 15.84 -18.16 -23.34
CA ALA B 91 15.14 -19.10 -24.21
C ALA B 91 15.27 -20.51 -23.64
N ARG B 92 16.50 -20.92 -23.38
CA ARG B 92 16.77 -22.24 -22.84
C ARG B 92 16.04 -22.41 -21.52
N ASP B 93 16.02 -21.33 -20.74
CA ASP B 93 15.34 -21.35 -19.45
C ASP B 93 13.85 -21.60 -19.65
N PHE B 94 13.21 -20.83 -20.53
CA PHE B 94 11.79 -20.98 -20.79
C PHE B 94 11.47 -22.40 -21.25
N ILE B 95 12.25 -22.91 -22.20
CA ILE B 95 12.06 -24.25 -22.72
C ILE B 95 12.10 -25.25 -21.57
N ASN B 96 13.05 -25.02 -20.65
CA ASN B 96 13.17 -25.89 -19.48
C ASN B 96 11.89 -25.84 -18.67
N GLN B 97 11.31 -24.64 -18.55
CA GLN B 97 10.06 -24.49 -17.81
C GLN B 97 8.92 -25.28 -18.44
N TYR B 98 8.76 -25.14 -19.75
CA TYR B 98 7.71 -25.83 -20.49
C TYR B 98 7.79 -27.35 -20.37
N TYR B 99 8.98 -27.93 -20.62
CA TYR B 99 9.13 -29.36 -20.51
C TYR B 99 8.98 -29.88 -19.09
N SER B 100 9.17 -28.99 -18.13
CA SER B 100 9.00 -29.36 -16.74
C SER B 100 7.49 -29.41 -16.50
N SER B 101 6.78 -28.48 -17.15
CA SER B 101 5.33 -28.40 -17.01
C SER B 101 4.57 -29.64 -17.50
N ILE B 102 5.00 -30.21 -18.63
CA ILE B 102 4.36 -31.41 -19.20
C ILE B 102 5.02 -32.68 -18.64
N LYS B 103 5.93 -32.49 -17.68
CA LYS B 103 6.68 -33.56 -17.02
C LYS B 103 7.69 -34.33 -17.87
N ARG B 104 7.90 -33.91 -19.12
CA ARG B 104 8.84 -34.56 -20.01
C ARG B 104 10.24 -33.97 -19.89
N SER B 105 10.54 -33.40 -18.73
CA SER B 105 11.85 -32.79 -18.51
C SER B 105 12.98 -33.81 -18.66
N GLY B 106 13.69 -33.74 -19.78
CA GLY B 106 14.79 -34.65 -20.01
C GLY B 106 14.57 -35.51 -21.25
N SER B 107 13.31 -35.68 -21.63
CA SER B 107 12.95 -36.48 -22.80
C SER B 107 13.69 -36.02 -24.05
N GLN B 108 13.62 -36.83 -25.11
CA GLN B 108 14.28 -36.49 -26.36
C GLN B 108 13.65 -35.25 -26.95
N ALA B 109 12.34 -35.10 -26.75
CA ALA B 109 11.60 -33.95 -27.23
C ALA B 109 12.13 -32.69 -26.54
N HIS B 110 12.56 -32.84 -25.30
CA HIS B 110 13.09 -31.71 -24.54
C HIS B 110 14.44 -31.32 -25.12
N GLU B 111 15.35 -32.29 -25.24
CA GLU B 111 16.69 -32.04 -25.78
C GLU B 111 16.73 -31.55 -27.22
N GLU B 112 15.75 -31.96 -28.02
CA GLU B 112 15.69 -31.56 -29.42
C GLU B 112 15.07 -30.19 -29.63
N ARG B 113 14.35 -29.71 -28.63
CA ARG B 113 13.74 -28.39 -28.73
C ARG B 113 14.81 -27.37 -28.36
N LEU B 114 15.73 -27.78 -27.50
CA LEU B 114 16.84 -26.90 -27.09
C LEU B 114 17.77 -26.76 -28.30
N GLN B 115 17.96 -27.86 -29.03
CA GLN B 115 18.80 -27.90 -30.23
C GLN B 115 18.25 -26.94 -31.27
N GLU B 116 16.94 -27.05 -31.52
CA GLU B 116 16.25 -26.20 -32.50
C GLU B 116 16.40 -24.73 -32.18
N VAL B 117 16.25 -24.39 -30.90
CA VAL B 117 16.36 -23.00 -30.44
C VAL B 117 17.78 -22.47 -30.55
N GLU B 118 18.76 -23.30 -30.16
CA GLU B 118 20.18 -22.93 -30.26
C GLU B 118 20.53 -22.71 -31.72
N ALA B 119 20.21 -23.71 -32.54
CA ALA B 119 20.46 -23.68 -33.99
C ALA B 119 19.83 -22.45 -34.64
N GLU B 120 18.59 -22.16 -34.29
CA GLU B 120 17.90 -21.03 -34.85
C GLU B 120 18.42 -19.67 -34.36
N VAL B 121 18.83 -19.60 -33.10
CA VAL B 121 19.36 -18.33 -32.57
C VAL B 121 20.71 -18.03 -33.19
N ALA B 122 21.56 -19.05 -33.21
CA ALA B 122 22.91 -18.93 -33.76
C ALA B 122 22.97 -18.49 -35.22
N SER B 123 21.93 -18.83 -35.99
CA SER B 123 21.89 -18.50 -37.42
C SER B 123 21.03 -17.29 -37.79
N THR B 124 19.88 -17.14 -37.16
CA THR B 124 18.96 -16.02 -37.44
C THR B 124 19.00 -14.92 -36.38
N GLY B 125 19.67 -15.18 -35.26
CA GLY B 125 19.76 -14.21 -34.19
C GLY B 125 18.51 -14.15 -33.34
N THR B 126 17.57 -15.07 -33.63
CA THR B 126 16.31 -15.18 -32.91
C THR B 126 15.77 -16.59 -33.16
N TYR B 127 14.56 -16.84 -32.71
CA TYR B 127 13.89 -18.12 -32.90
C TYR B 127 12.40 -17.86 -32.79
N HIS B 128 11.61 -18.92 -32.95
CA HIS B 128 10.16 -18.79 -32.84
C HIS B 128 9.63 -19.84 -31.85
N LEU B 129 8.41 -19.63 -31.38
CA LEU B 129 7.77 -20.50 -30.40
C LEU B 129 6.68 -21.38 -30.99
N ARG B 130 6.50 -22.57 -30.42
CA ARG B 130 5.45 -23.45 -30.88
C ARG B 130 4.18 -22.97 -30.20
N GLU B 131 3.03 -23.12 -30.87
CA GLU B 131 1.74 -22.69 -30.31
C GLU B 131 1.50 -23.15 -28.87
N SER B 132 1.86 -24.40 -28.58
CA SER B 132 1.69 -24.96 -27.24
C SER B 132 2.53 -24.23 -26.20
N GLU B 133 3.79 -23.93 -26.55
CA GLU B 133 4.69 -23.23 -25.66
C GLU B 133 4.20 -21.81 -25.40
N LEU B 134 3.70 -21.17 -26.44
CA LEU B 134 3.16 -19.82 -26.34
C LEU B 134 1.95 -19.85 -25.41
N VAL B 135 1.17 -20.93 -25.47
CA VAL B 135 0.00 -21.06 -24.62
C VAL B 135 0.44 -21.26 -23.17
N PHE B 136 1.56 -21.94 -22.96
CA PHE B 136 2.08 -22.13 -21.61
C PHE B 136 2.68 -20.82 -21.11
N GLY B 137 3.33 -20.09 -22.00
CA GLY B 137 3.95 -18.82 -21.63
C GLY B 137 2.95 -17.78 -21.19
N ALA B 138 1.89 -17.60 -21.96
CA ALA B 138 0.86 -16.63 -21.64
C ALA B 138 0.19 -16.88 -20.28
N LYS B 139 -0.09 -18.13 -19.96
CA LYS B 139 -0.72 -18.45 -18.67
C LYS B 139 0.24 -18.19 -17.54
N GLN B 140 1.52 -18.45 -17.79
CA GLN B 140 2.56 -18.26 -16.79
C GLN B 140 2.82 -16.77 -16.58
N ALA B 141 2.61 -15.97 -17.62
CA ALA B 141 2.81 -14.53 -17.57
C ALA B 141 1.80 -13.90 -16.63
N TRP B 142 0.55 -14.34 -16.77
CA TRP B 142 -0.55 -13.90 -15.94
C TRP B 142 -0.29 -14.28 -14.48
N ARG B 143 0.09 -15.54 -14.29
CA ARG B 143 0.40 -16.10 -12.99
C ARG B 143 1.47 -15.29 -12.27
N ASN B 144 2.46 -14.85 -13.03
CA ASN B 144 3.58 -14.10 -12.48
C ASN B 144 3.31 -12.60 -12.29
N ALA B 145 2.16 -12.11 -12.75
CA ALA B 145 1.80 -10.70 -12.62
C ALA B 145 1.53 -10.31 -11.16
N PRO B 146 2.46 -9.59 -10.53
CA PRO B 146 2.35 -9.15 -9.14
C PRO B 146 1.16 -8.25 -8.81
N ARG B 147 0.67 -7.51 -9.79
CA ARG B 147 -0.45 -6.59 -9.57
C ARG B 147 -1.86 -7.12 -9.85
N CYS B 148 -1.97 -8.39 -10.21
CA CYS B 148 -3.26 -8.99 -10.52
C CYS B 148 -3.85 -9.76 -9.33
N VAL B 149 -5.03 -9.32 -8.89
CA VAL B 149 -5.72 -9.94 -7.79
C VAL B 149 -6.54 -11.18 -8.20
N GLY B 150 -6.85 -11.29 -9.49
CA GLY B 150 -7.62 -12.43 -9.98
C GLY B 150 -6.80 -13.60 -10.56
N ARG B 151 -5.57 -13.77 -10.10
CA ARG B 151 -4.70 -14.83 -10.60
C ARG B 151 -5.11 -16.24 -10.18
N ILE B 152 -6.24 -16.39 -9.50
CA ILE B 152 -6.68 -17.73 -9.13
C ILE B 152 -7.19 -18.39 -10.41
N GLN B 153 -7.67 -17.58 -11.35
CA GLN B 153 -8.18 -18.05 -12.63
C GLN B 153 -7.05 -18.20 -13.67
N TRP B 154 -5.79 -18.16 -13.23
CA TRP B 154 -4.68 -18.22 -14.15
C TRP B 154 -4.56 -19.39 -15.12
N GLY B 155 -5.08 -20.54 -14.72
CA GLY B 155 -5.01 -21.71 -15.58
C GLY B 155 -6.10 -21.73 -16.65
N LYS B 156 -7.10 -20.87 -16.47
CA LYS B 156 -8.22 -20.79 -17.40
C LYS B 156 -8.07 -19.58 -18.32
N LEU B 157 -7.36 -19.77 -19.44
CA LEU B 157 -7.13 -18.69 -20.40
C LEU B 157 -7.17 -19.12 -21.87
N GLN B 158 -8.06 -18.52 -22.63
CA GLN B 158 -8.16 -18.82 -24.06
C GLN B 158 -7.11 -18.00 -24.81
N VAL B 159 -6.11 -18.69 -25.34
CA VAL B 159 -5.03 -18.03 -26.07
C VAL B 159 -5.22 -18.11 -27.58
N PHE B 160 -5.54 -16.98 -28.20
CA PHE B 160 -5.70 -16.91 -29.65
C PHE B 160 -4.35 -16.58 -30.30
N ASP B 161 -3.78 -17.54 -31.03
CA ASP B 161 -2.51 -17.35 -31.74
C ASP B 161 -2.76 -16.50 -33.00
N ALA B 162 -2.34 -15.24 -32.96
CA ALA B 162 -2.54 -14.33 -34.07
C ALA B 162 -1.22 -13.91 -34.70
N ARG B 163 -0.21 -14.76 -34.54
CA ARG B 163 1.12 -14.47 -35.07
C ARG B 163 1.25 -14.48 -36.58
N ASP B 164 0.14 -14.81 -37.26
CA ASP B 164 0.09 -14.85 -38.72
C ASP B 164 -0.73 -13.66 -39.21
N CYS B 165 -0.33 -12.48 -38.74
CA CYS B 165 -0.99 -11.23 -39.08
C CYS B 165 0.03 -10.41 -39.90
N SER B 166 -0.45 -9.66 -40.88
CA SER B 166 0.48 -8.86 -41.68
C SER B 166 -0.02 -7.47 -41.98
N SER B 167 -1.18 -7.13 -41.43
CA SER B 167 -1.75 -5.81 -41.64
C SER B 167 -2.64 -5.40 -40.48
N ALA B 168 -2.91 -4.11 -40.39
CA ALA B 168 -3.77 -3.56 -39.35
C ALA B 168 -5.18 -4.12 -39.49
N GLN B 169 -5.63 -4.29 -40.73
CA GLN B 169 -6.97 -4.83 -40.98
C GLN B 169 -7.11 -6.23 -40.39
N GLU B 170 -6.06 -7.05 -40.52
CA GLU B 170 -6.10 -8.39 -39.99
C GLU B 170 -6.13 -8.30 -38.48
N MET B 171 -5.41 -7.33 -37.93
CA MET B 171 -5.36 -7.10 -36.48
C MET B 171 -6.76 -6.85 -35.94
N PHE B 172 -7.50 -6.02 -36.67
CA PHE B 172 -8.86 -5.66 -36.31
C PHE B 172 -9.83 -6.83 -36.30
N THR B 173 -9.72 -7.70 -37.30
CA THR B 173 -10.57 -8.86 -37.40
C THR B 173 -10.26 -9.80 -36.24
N TYR B 174 -8.99 -9.90 -35.88
CA TYR B 174 -8.56 -10.72 -34.76
C TYR B 174 -9.09 -10.12 -33.44
N ILE B 175 -9.09 -8.79 -33.37
CA ILE B 175 -9.56 -8.09 -32.19
C ILE B 175 -11.06 -8.27 -32.00
N CYS B 176 -11.82 -8.20 -33.10
CA CYS B 176 -13.27 -8.38 -33.03
C CYS B 176 -13.61 -9.80 -32.62
N ASN B 177 -12.76 -10.75 -33.02
CA ASN B 177 -12.92 -12.16 -32.68
C ASN B 177 -12.70 -12.35 -31.16
N HIS B 178 -11.64 -11.72 -30.64
CA HIS B 178 -11.30 -11.78 -29.23
C HIS B 178 -12.44 -11.22 -28.42
N ILE B 179 -12.91 -10.04 -28.80
CA ILE B 179 -14.00 -9.39 -28.12
C ILE B 179 -15.25 -10.27 -28.06
N LYS B 180 -15.76 -10.68 -29.22
CA LYS B 180 -16.96 -11.51 -29.33
C LYS B 180 -16.89 -12.77 -28.46
N TYR B 181 -15.72 -13.38 -28.39
CA TYR B 181 -15.52 -14.59 -27.59
C TYR B 181 -15.54 -14.25 -26.09
N ALA B 182 -14.61 -13.39 -25.69
CA ALA B 182 -14.45 -12.96 -24.29
C ALA B 182 -15.75 -12.47 -23.70
N THR B 183 -16.48 -11.66 -24.44
CA THR B 183 -17.75 -11.11 -23.98
C THR B 183 -18.79 -12.21 -23.73
N ASN B 184 -18.96 -13.09 -24.71
CA ASN B 184 -19.88 -14.23 -24.59
C ASN B 184 -21.27 -13.88 -24.04
N ARG B 185 -21.88 -12.86 -24.62
CA ARG B 185 -23.22 -12.39 -24.21
C ARG B 185 -23.36 -12.05 -22.72
N GLY B 186 -22.25 -11.71 -22.07
CA GLY B 186 -22.30 -11.37 -20.66
C GLY B 186 -21.62 -12.38 -19.75
N ASN B 187 -21.49 -13.62 -20.22
CA ASN B 187 -20.84 -14.65 -19.43
C ASN B 187 -19.37 -14.66 -19.83
N LEU B 188 -18.70 -13.55 -19.50
CA LEU B 188 -17.29 -13.31 -19.80
C LEU B 188 -16.33 -14.47 -19.55
N ARG B 189 -15.32 -14.56 -20.41
CA ARG B 189 -14.28 -15.59 -20.33
C ARG B 189 -12.93 -14.94 -20.60
N SER B 190 -11.91 -15.37 -19.86
CA SER B 190 -10.57 -14.82 -20.00
C SER B 190 -9.88 -15.25 -21.30
N ALA B 191 -9.30 -14.27 -21.99
CA ALA B 191 -8.63 -14.53 -23.25
C ALA B 191 -7.47 -13.58 -23.56
N ILE B 192 -6.61 -13.99 -24.47
CA ILE B 192 -5.50 -13.18 -24.91
C ILE B 192 -5.19 -13.49 -26.39
N THR B 193 -5.01 -12.46 -27.21
CA THR B 193 -4.68 -12.61 -28.62
C THR B 193 -3.23 -12.17 -28.76
N VAL B 194 -2.38 -13.05 -29.27
CA VAL B 194 -0.95 -12.75 -29.41
C VAL B 194 -0.53 -12.46 -30.85
N PHE B 195 -0.20 -11.19 -31.12
CA PHE B 195 0.24 -10.75 -32.43
C PHE B 195 1.71 -11.03 -32.69
N PRO B 196 2.20 -10.77 -33.92
CA PRO B 196 3.61 -11.04 -34.24
C PRO B 196 4.63 -10.43 -33.28
N GLN B 197 5.61 -11.23 -32.91
CA GLN B 197 6.66 -10.80 -32.01
C GLN B 197 7.42 -9.63 -32.57
N ARG B 198 8.39 -9.15 -31.81
CA ARG B 198 9.20 -8.05 -32.24
C ARG B 198 10.40 -8.57 -33.01
N ALA B 199 10.80 -7.81 -34.03
CA ALA B 199 11.94 -8.14 -34.86
C ALA B 199 12.89 -6.95 -34.88
N PRO B 200 14.20 -7.21 -34.72
CA PRO B 200 15.25 -6.18 -34.71
C PRO B 200 15.27 -5.44 -36.05
N GLY B 201 15.36 -4.11 -36.01
CA GLY B 201 15.40 -3.32 -37.22
C GLY B 201 14.06 -3.06 -37.91
N ARG B 202 12.99 -3.64 -37.37
CA ARG B 202 11.64 -3.45 -37.92
C ARG B 202 10.72 -2.85 -36.85
N GLY B 203 9.70 -2.12 -37.30
CA GLY B 203 8.75 -1.51 -36.38
C GLY B 203 7.98 -2.53 -35.56
N ASP B 204 7.08 -2.05 -34.71
CA ASP B 204 6.29 -2.93 -33.85
C ASP B 204 4.83 -3.00 -34.18
N PHE B 205 4.25 -4.17 -34.00
CA PHE B 205 2.81 -4.32 -34.19
C PHE B 205 2.35 -3.69 -32.87
N ARG B 206 1.49 -2.67 -32.94
CA ARG B 206 1.03 -2.00 -31.72
C ARG B 206 -0.42 -1.63 -31.79
N ILE B 207 -1.06 -1.60 -30.63
CA ILE B 207 -2.45 -1.20 -30.50
C ILE B 207 -2.25 0.09 -29.73
N TRP B 208 -2.58 1.22 -30.33
CA TRP B 208 -2.41 2.51 -29.69
C TRP B 208 -3.28 2.73 -28.44
N ASN B 209 -4.48 2.15 -28.44
CA ASN B 209 -5.39 2.30 -27.32
C ASN B 209 -4.90 1.46 -26.14
N SER B 210 -5.02 2.00 -24.94
CA SER B 210 -4.59 1.30 -23.72
C SER B 210 -5.49 0.11 -23.41
N GLN B 211 -6.72 0.16 -23.92
CA GLN B 211 -7.71 -0.92 -23.77
C GLN B 211 -8.50 -0.97 -25.08
N LEU B 212 -9.10 -2.12 -25.40
CA LEU B 212 -9.87 -2.20 -26.64
C LEU B 212 -11.11 -1.32 -26.51
N VAL B 213 -11.70 -1.31 -25.32
CA VAL B 213 -12.88 -0.49 -25.08
C VAL B 213 -12.53 0.59 -24.05
N ARG B 214 -12.75 1.85 -24.43
CA ARG B 214 -12.48 3.02 -23.60
C ARG B 214 -13.47 4.12 -23.99
N TYR B 215 -13.71 5.07 -23.10
CA TYR B 215 -14.61 6.16 -23.44
C TYR B 215 -13.75 7.38 -23.75
N ALA B 216 -14.21 8.21 -24.69
CA ALA B 216 -13.47 9.40 -25.11
C ALA B 216 -13.37 10.53 -24.09
N GLY B 217 -12.30 11.31 -24.21
CA GLY B 217 -12.06 12.45 -23.34
C GLY B 217 -11.82 13.70 -24.17
N TYR B 218 -12.86 14.51 -24.35
CA TYR B 218 -12.78 15.73 -25.16
C TYR B 218 -12.43 16.95 -24.30
N ARG B 219 -11.23 17.50 -24.50
CA ARG B 219 -10.80 18.68 -23.76
C ARG B 219 -11.61 19.91 -24.22
N GLN B 220 -12.60 20.29 -23.43
CA GLN B 220 -13.46 21.44 -23.75
C GLN B 220 -12.85 22.81 -23.43
N GLN B 221 -13.22 23.79 -24.26
CA GLN B 221 -12.76 25.18 -24.19
C GLN B 221 -12.17 25.69 -22.88
N ASP B 222 -12.98 25.68 -21.82
CA ASP B 222 -12.56 26.16 -20.51
C ASP B 222 -11.71 25.21 -19.66
N GLY B 223 -10.83 24.44 -20.30
CA GLY B 223 -9.98 23.50 -19.57
C GLY B 223 -10.70 22.24 -19.09
N SER B 224 -12.03 22.30 -19.06
CA SER B 224 -12.88 21.20 -18.65
C SER B 224 -12.66 19.99 -19.56
N VAL B 225 -13.17 18.82 -19.16
CA VAL B 225 -13.03 17.63 -19.97
C VAL B 225 -14.32 16.81 -20.01
N ARG B 226 -14.87 16.68 -21.20
CA ARG B 226 -16.08 15.90 -21.43
C ARG B 226 -15.62 14.45 -21.55
N GLY B 227 -16.31 13.54 -20.87
CA GLY B 227 -15.96 12.13 -20.94
C GLY B 227 -14.90 11.67 -19.95
N ASP B 228 -14.01 10.78 -20.38
CA ASP B 228 -12.95 10.25 -19.51
C ASP B 228 -11.63 10.99 -19.71
N PRO B 229 -11.18 11.73 -18.68
CA PRO B 229 -9.94 12.50 -18.69
C PRO B 229 -8.69 11.67 -18.96
N ALA B 230 -8.68 10.44 -18.48
CA ALA B 230 -7.54 9.56 -18.66
C ALA B 230 -7.33 9.18 -20.13
N ASN B 231 -8.32 9.50 -20.95
CA ASN B 231 -8.27 9.18 -22.37
C ASN B 231 -8.22 10.39 -23.31
N VAL B 232 -7.95 11.56 -22.77
CA VAL B 232 -7.89 12.79 -23.57
C VAL B 232 -6.88 12.72 -24.70
N GLU B 233 -5.68 12.22 -24.40
CA GLU B 233 -4.64 12.14 -25.41
C GLU B 233 -5.03 11.20 -26.57
N ILE B 234 -5.40 9.97 -26.27
CA ILE B 234 -5.77 9.01 -27.31
C ILE B 234 -7.00 9.45 -28.11
N THR B 235 -7.90 10.21 -27.48
CA THR B 235 -9.10 10.68 -28.17
C THR B 235 -8.65 11.65 -29.25
N GLU B 236 -7.65 12.45 -28.92
CA GLU B 236 -7.10 13.45 -29.85
C GLU B 236 -6.41 12.76 -31.02
N LEU B 237 -5.63 11.73 -30.72
CA LEU B 237 -4.91 10.99 -31.75
C LEU B 237 -5.87 10.39 -32.78
N CYS B 238 -7.04 9.98 -32.33
CA CYS B 238 -8.03 9.41 -33.23
C CYS B 238 -8.58 10.50 -34.17
N ILE B 239 -8.85 11.69 -33.63
CA ILE B 239 -9.38 12.80 -34.44
C ILE B 239 -8.32 13.27 -35.42
N GLN B 240 -7.08 13.27 -34.96
CA GLN B 240 -5.94 13.66 -35.77
C GLN B 240 -5.93 12.74 -36.99
N HIS B 241 -6.24 11.46 -36.75
CA HIS B 241 -6.30 10.46 -37.81
C HIS B 241 -7.66 10.31 -38.46
N GLY B 242 -8.46 11.37 -38.42
CA GLY B 242 -9.75 11.37 -39.09
C GLY B 242 -11.03 10.85 -38.47
N TRP B 243 -11.06 10.63 -37.16
CA TRP B 243 -12.28 10.14 -36.53
C TRP B 243 -13.28 11.28 -36.30
N THR B 244 -14.56 11.01 -36.55
CA THR B 244 -15.60 12.00 -36.33
C THR B 244 -16.15 11.76 -34.92
N PRO B 245 -15.73 12.61 -33.94
CA PRO B 245 -16.10 12.58 -32.53
C PRO B 245 -17.50 13.00 -32.13
N GLY B 246 -17.97 12.46 -31.01
CA GLY B 246 -19.27 12.81 -30.50
C GLY B 246 -19.07 13.85 -29.40
N ASN B 247 -20.01 13.88 -28.45
CA ASN B 247 -19.92 14.82 -27.33
C ASN B 247 -20.71 14.28 -26.14
N GLY B 248 -20.49 13.00 -25.86
CA GLY B 248 -21.14 12.35 -24.74
C GLY B 248 -20.05 12.05 -23.73
N ARG B 249 -20.45 11.61 -22.55
CA ARG B 249 -19.48 11.30 -21.51
C ARG B 249 -19.02 9.87 -21.69
N PHE B 250 -19.83 9.08 -22.40
CA PHE B 250 -19.54 7.66 -22.61
C PHE B 250 -19.55 7.23 -24.08
N ASP B 251 -18.81 7.95 -24.91
CA ASP B 251 -18.71 7.61 -26.32
C ASP B 251 -17.52 6.65 -26.53
N VAL B 252 -17.82 5.40 -26.89
CA VAL B 252 -16.78 4.40 -27.16
C VAL B 252 -15.85 4.86 -28.28
N LEU B 253 -14.55 4.80 -28.01
CA LEU B 253 -13.54 5.22 -28.95
C LEU B 253 -13.26 4.17 -30.02
N PRO B 254 -12.74 4.62 -31.18
CA PRO B 254 -12.40 3.71 -32.29
C PRO B 254 -10.99 3.21 -31.99
N LEU B 255 -10.54 2.18 -32.68
CA LEU B 255 -9.21 1.65 -32.46
C LEU B 255 -8.20 2.15 -33.49
N LEU B 256 -6.97 2.39 -33.03
CA LEU B 256 -5.88 2.82 -33.88
C LEU B 256 -4.93 1.65 -33.84
N LEU B 257 -4.91 0.86 -34.92
CA LEU B 257 -4.06 -0.31 -35.00
C LEU B 257 -2.89 0.01 -35.91
N GLN B 258 -1.71 -0.42 -35.50
CA GLN B 258 -0.50 -0.12 -36.25
C GLN B 258 0.33 -1.36 -36.62
N ALA B 259 0.51 -1.55 -37.92
CA ALA B 259 1.33 -2.63 -38.45
C ALA B 259 2.73 -2.00 -38.56
N PRO B 260 3.81 -2.81 -38.48
CA PRO B 260 5.18 -2.32 -38.55
C PRO B 260 5.48 -1.23 -39.55
N ASP B 261 6.18 -0.21 -39.07
CA ASP B 261 6.61 0.93 -39.85
C ASP B 261 5.52 1.55 -40.71
N GLU B 262 4.28 1.47 -40.23
CA GLU B 262 3.16 2.05 -40.96
C GLU B 262 2.34 2.94 -40.04
N ALA B 263 1.75 3.99 -40.62
CA ALA B 263 0.91 4.90 -39.85
C ALA B 263 -0.27 4.07 -39.36
N PRO B 264 -0.72 4.32 -38.11
CA PRO B 264 -1.86 3.58 -37.56
C PRO B 264 -3.13 3.80 -38.38
N GLU B 265 -4.07 2.88 -38.28
CA GLU B 265 -5.33 2.99 -39.02
C GLU B 265 -6.51 3.07 -38.08
N LEU B 266 -7.57 3.71 -38.55
CA LEU B 266 -8.77 3.89 -37.76
C LEU B 266 -9.87 2.88 -38.07
N PHE B 267 -10.29 2.17 -37.05
CA PHE B 267 -11.33 1.17 -37.17
C PHE B 267 -12.36 1.36 -36.05
N VAL B 268 -13.62 1.51 -36.44
CA VAL B 268 -14.71 1.69 -35.47
C VAL B 268 -15.32 0.35 -35.06
N LEU B 269 -15.31 0.07 -33.76
CA LEU B 269 -15.87 -1.19 -33.26
C LEU B 269 -17.38 -1.26 -33.44
N PRO B 270 -17.87 -2.39 -33.96
CA PRO B 270 -19.32 -2.57 -34.16
C PRO B 270 -20.05 -2.52 -32.82
N PRO B 271 -20.98 -1.56 -32.66
CA PRO B 271 -21.78 -1.35 -31.45
C PRO B 271 -22.36 -2.62 -30.82
N GLU B 272 -22.68 -3.61 -31.66
CA GLU B 272 -23.24 -4.85 -31.15
C GLU B 272 -22.16 -5.64 -30.38
N LEU B 273 -20.91 -5.48 -30.81
CA LEU B 273 -19.78 -6.16 -30.19
C LEU B 273 -19.46 -5.65 -28.78
N VAL B 274 -19.70 -4.37 -28.57
CA VAL B 274 -19.40 -3.72 -27.29
C VAL B 274 -20.55 -3.70 -26.27
N LEU B 275 -20.57 -4.71 -25.40
CA LEU B 275 -21.57 -4.81 -24.36
C LEU B 275 -21.33 -3.73 -23.30
N GLU B 276 -22.37 -2.99 -22.94
CA GLU B 276 -22.26 -1.93 -21.93
C GLU B 276 -23.36 -2.12 -20.92
N VAL B 277 -23.10 -1.69 -19.68
CA VAL B 277 -24.07 -1.84 -18.60
C VAL B 277 -24.53 -0.50 -18.04
N PRO B 278 -25.85 -0.23 -18.08
CA PRO B 278 -26.39 1.02 -17.56
C PRO B 278 -26.53 0.89 -16.03
N LEU B 279 -25.90 1.81 -15.30
CA LEU B 279 -25.90 1.80 -13.85
C LEU B 279 -27.17 2.33 -13.18
N GLU B 280 -27.60 1.61 -12.15
CA GLU B 280 -28.78 1.97 -11.37
C GLU B 280 -28.56 1.43 -9.97
N HIS B 281 -29.24 2.03 -9.01
CA HIS B 281 -29.11 1.62 -7.62
C HIS B 281 -30.28 0.73 -7.22
N PRO B 282 -30.04 -0.27 -6.39
CA PRO B 282 -31.17 -1.12 -6.00
C PRO B 282 -32.28 -0.37 -5.25
N THR B 283 -31.91 0.67 -4.50
CA THR B 283 -32.89 1.44 -3.74
C THR B 283 -33.03 2.92 -4.09
N LEU B 284 -31.98 3.53 -4.60
CA LEU B 284 -32.04 4.95 -4.94
C LEU B 284 -32.52 5.16 -6.37
N GLU B 285 -33.84 5.31 -6.51
CA GLU B 285 -34.50 5.51 -7.80
C GLU B 285 -33.86 6.58 -8.70
N TRP B 286 -33.36 7.65 -8.08
CA TRP B 286 -32.75 8.75 -8.83
C TRP B 286 -31.39 8.40 -9.41
N PHE B 287 -30.74 7.36 -8.89
CA PHE B 287 -29.42 6.99 -9.37
C PHE B 287 -29.36 6.82 -10.86
N ALA B 288 -30.31 6.05 -11.40
CA ALA B 288 -30.38 5.78 -12.83
C ALA B 288 -30.42 7.06 -13.65
N ALA B 289 -31.17 8.05 -13.18
CA ALA B 289 -31.31 9.33 -13.84
C ALA B 289 -30.00 10.07 -14.11
N LEU B 290 -28.89 9.60 -13.53
CA LEU B 290 -27.59 10.22 -13.73
C LEU B 290 -26.98 9.85 -15.09
N GLY B 291 -27.58 8.87 -15.76
CA GLY B 291 -27.10 8.43 -17.07
C GLY B 291 -25.74 7.78 -17.08
N LEU B 292 -25.40 7.14 -15.96
CA LEU B 292 -24.12 6.47 -15.83
C LEU B 292 -24.12 5.06 -16.43
N ARG B 293 -22.98 4.65 -16.94
CA ARG B 293 -22.84 3.34 -17.56
C ARG B 293 -21.37 2.98 -17.71
N TRP B 294 -21.07 1.72 -17.99
CA TRP B 294 -19.69 1.27 -18.18
C TRP B 294 -19.65 -0.02 -18.98
N TYR B 295 -18.61 -0.17 -19.81
CA TYR B 295 -18.45 -1.37 -20.63
C TYR B 295 -18.19 -2.61 -19.77
N ALA B 296 -18.51 -3.78 -20.33
CA ALA B 296 -18.38 -5.04 -19.64
C ALA B 296 -17.01 -5.68 -19.70
N LEU B 297 -16.31 -5.45 -20.80
CA LEU B 297 -15.01 -6.07 -21.03
C LEU B 297 -13.76 -5.22 -20.82
N PRO B 298 -12.92 -5.62 -19.84
CA PRO B 298 -11.66 -4.95 -19.50
C PRO B 298 -10.51 -5.62 -20.25
N ALA B 299 -10.16 -5.08 -21.40
CA ALA B 299 -9.09 -5.65 -22.22
C ALA B 299 -7.90 -4.72 -22.40
N VAL B 300 -6.87 -4.94 -21.59
CA VAL B 300 -5.66 -4.12 -21.63
C VAL B 300 -4.88 -4.46 -22.90
N SER B 301 -4.64 -3.45 -23.72
CA SER B 301 -3.95 -3.62 -24.99
C SER B 301 -2.60 -2.94 -25.16
N ASN B 302 -2.09 -2.29 -24.12
CA ASN B 302 -0.81 -1.59 -24.21
C ASN B 302 0.40 -2.20 -23.53
N MET B 303 0.25 -3.39 -22.96
CA MET B 303 1.38 -4.01 -22.30
C MET B 303 2.10 -4.97 -23.22
N LEU B 304 3.34 -5.28 -22.86
CA LEU B 304 4.18 -6.17 -23.65
C LEU B 304 4.32 -7.52 -22.96
N LEU B 305 4.05 -8.59 -23.71
CA LEU B 305 4.17 -9.92 -23.14
C LEU B 305 5.50 -10.53 -23.55
N GLU B 306 6.36 -10.79 -22.58
CA GLU B 306 7.67 -11.37 -22.88
C GLU B 306 7.71 -12.84 -22.50
N ILE B 307 8.07 -13.68 -23.46
CA ILE B 307 8.20 -15.12 -23.21
C ILE B 307 9.51 -15.61 -23.78
N GLY B 308 10.32 -16.23 -22.93
CA GLY B 308 11.60 -16.76 -23.37
C GLY B 308 12.48 -15.83 -24.19
N GLY B 309 12.59 -14.58 -23.76
CA GLY B 309 13.42 -13.63 -24.49
C GLY B 309 12.72 -12.95 -25.65
N LEU B 310 11.64 -13.54 -26.11
CA LEU B 310 10.89 -12.95 -27.21
C LEU B 310 9.90 -11.95 -26.61
N GLU B 311 9.51 -10.96 -27.39
CA GLU B 311 8.62 -9.92 -26.92
C GLU B 311 7.47 -9.67 -27.87
N PHE B 312 6.27 -9.64 -27.34
CA PHE B 312 5.08 -9.42 -28.12
C PHE B 312 4.48 -8.09 -27.74
N SER B 313 4.81 -7.08 -28.54
CA SER B 313 4.35 -5.71 -28.33
C SER B 313 2.84 -5.50 -28.45
N ALA B 314 2.13 -6.47 -29.02
CA ALA B 314 0.68 -6.37 -29.14
C ALA B 314 0.11 -7.71 -28.73
N ALA B 315 -0.54 -7.74 -27.57
CA ALA B 315 -1.11 -8.96 -27.02
C ALA B 315 -2.22 -8.64 -26.04
N PRO B 316 -3.30 -8.01 -26.51
CA PRO B 316 -4.42 -7.65 -25.64
C PRO B 316 -4.98 -8.85 -24.88
N PHE B 317 -5.23 -8.65 -23.60
CA PHE B 317 -5.77 -9.69 -22.72
C PHE B 317 -6.93 -9.14 -21.92
N SER B 318 -7.85 -10.02 -21.54
CA SER B 318 -9.01 -9.60 -20.78
C SER B 318 -9.58 -10.73 -19.93
N GLY B 319 -10.32 -10.33 -18.90
CA GLY B 319 -10.95 -11.28 -18.01
C GLY B 319 -12.24 -10.61 -17.67
N TRP B 320 -12.40 -10.26 -16.40
CA TRP B 320 -13.61 -9.56 -15.97
C TRP B 320 -13.28 -8.55 -14.89
N TYR B 321 -14.18 -7.59 -14.72
CA TYR B 321 -14.00 -6.54 -13.74
C TYR B 321 -14.24 -6.93 -12.30
N MET B 322 -13.50 -6.25 -11.43
CA MET B 322 -13.69 -6.38 -10.00
C MET B 322 -14.42 -5.05 -9.80
N SER B 323 -15.55 -5.09 -9.11
CA SER B 323 -16.37 -3.91 -8.91
C SER B 323 -15.67 -2.60 -8.54
N THR B 324 -14.59 -2.67 -7.75
CA THR B 324 -13.90 -1.45 -7.33
C THR B 324 -13.26 -0.68 -8.47
N GLU B 325 -12.74 -1.39 -9.48
CA GLU B 325 -12.11 -0.75 -10.62
C GLU B 325 -13.03 0.26 -11.26
N ILE B 326 -14.33 -0.04 -11.28
CA ILE B 326 -15.33 0.85 -11.87
C ILE B 326 -15.93 1.84 -10.88
N GLY B 327 -16.53 1.30 -9.82
CA GLY B 327 -17.18 2.13 -8.82
C GLY B 327 -16.31 3.11 -8.05
N THR B 328 -15.10 2.67 -7.70
CA THR B 328 -14.18 3.51 -6.95
C THR B 328 -13.25 4.30 -7.89
N ARG B 329 -12.28 3.60 -8.49
CA ARG B 329 -11.32 4.22 -9.39
C ARG B 329 -11.87 4.98 -10.60
N ASN B 330 -12.45 4.28 -11.57
CA ASN B 330 -12.95 4.93 -12.77
C ASN B 330 -13.96 6.04 -12.58
N LEU B 331 -14.93 5.81 -11.71
CA LEU B 331 -15.96 6.82 -11.49
C LEU B 331 -15.71 7.84 -10.37
N CYS B 332 -14.92 7.46 -9.37
CA CYS B 332 -14.66 8.34 -8.25
C CYS B 332 -13.31 9.01 -8.15
N ASP B 333 -12.31 8.55 -8.88
CA ASP B 333 -11.01 9.21 -8.83
C ASP B 333 -11.17 10.66 -9.23
N PRO B 334 -10.36 11.56 -8.63
CA PRO B 334 -10.38 12.99 -8.91
C PRO B 334 -10.15 13.28 -10.38
N HIS B 335 -9.11 12.67 -10.93
CA HIS B 335 -8.71 12.86 -12.32
C HIS B 335 -9.44 11.97 -13.33
N ARG B 336 -10.56 11.40 -12.92
CA ARG B 336 -11.38 10.54 -13.77
C ARG B 336 -12.77 11.16 -13.83
N TYR B 337 -13.82 10.35 -13.88
CA TYR B 337 -15.16 10.94 -13.96
C TYR B 337 -15.47 11.82 -12.76
N ASN B 338 -14.90 11.50 -11.60
CA ASN B 338 -15.07 12.31 -10.40
C ASN B 338 -16.55 12.64 -10.12
N ILE B 339 -17.35 11.62 -9.82
CA ILE B 339 -18.79 11.78 -9.56
C ILE B 339 -19.19 11.81 -8.08
N LEU B 340 -18.21 11.62 -7.19
CA LEU B 340 -18.43 11.59 -5.75
C LEU B 340 -19.39 12.65 -5.20
N GLU B 341 -19.05 13.93 -5.41
CA GLU B 341 -19.89 15.01 -4.93
C GLU B 341 -21.32 15.01 -5.49
N ASP B 342 -21.46 14.80 -6.80
CA ASP B 342 -22.78 14.76 -7.43
C ASP B 342 -23.70 13.78 -6.73
N VAL B 343 -23.19 12.58 -6.50
CA VAL B 343 -23.95 11.54 -5.84
C VAL B 343 -24.26 11.98 -4.41
N ALA B 344 -23.25 12.57 -3.76
CA ALA B 344 -23.40 13.05 -2.39
C ALA B 344 -24.60 14.00 -2.27
N VAL B 345 -24.72 14.91 -3.23
CA VAL B 345 -25.81 15.89 -3.25
C VAL B 345 -27.17 15.22 -3.49
N CYS B 346 -27.20 14.24 -4.40
CA CYS B 346 -28.44 13.53 -4.68
C CYS B 346 -28.86 12.79 -3.43
N MET B 347 -27.85 12.31 -2.69
CA MET B 347 -28.09 11.60 -1.44
C MET B 347 -28.40 12.61 -0.35
N ASP B 348 -28.16 13.88 -0.65
CA ASP B 348 -28.39 14.98 0.29
C ASP B 348 -27.50 14.85 1.54
N LEU B 349 -26.20 14.71 1.30
CA LEU B 349 -25.25 14.54 2.38
C LEU B 349 -24.62 15.87 2.78
N ASP B 350 -23.92 15.87 3.90
CA ASP B 350 -23.26 17.06 4.43
C ASP B 350 -21.91 17.26 3.72
N THR B 351 -21.93 17.92 2.58
CA THR B 351 -20.70 18.17 1.83
C THR B 351 -19.83 19.28 2.43
N ARG B 352 -20.36 19.95 3.45
CA ARG B 352 -19.67 21.05 4.16
C ARG B 352 -18.36 20.59 4.79
N THR B 353 -18.46 19.55 5.63
CA THR B 353 -17.29 19.02 6.33
C THR B 353 -16.87 17.61 5.89
N THR B 354 -15.60 17.30 6.14
CA THR B 354 -15.03 16.01 5.79
C THR B 354 -15.43 14.97 6.83
N SER B 355 -15.71 15.43 8.05
CA SER B 355 -16.08 14.57 9.16
C SER B 355 -17.45 13.91 9.07
N SER B 356 -18.27 14.35 8.12
CA SER B 356 -19.59 13.76 7.93
C SER B 356 -19.47 12.51 7.04
N LEU B 357 -18.23 12.19 6.67
CA LEU B 357 -17.87 11.04 5.84
C LEU B 357 -18.72 10.90 4.59
N TRP B 358 -19.14 12.01 4.00
CA TRP B 358 -19.97 11.98 2.80
C TRP B 358 -19.30 11.27 1.63
N LYS B 359 -17.98 11.42 1.52
CA LYS B 359 -17.22 10.78 0.46
C LYS B 359 -17.30 9.27 0.58
N ASP B 360 -17.06 8.76 1.79
CA ASP B 360 -17.09 7.32 2.04
C ASP B 360 -18.47 6.78 1.78
N LYS B 361 -19.47 7.54 2.20
CA LYS B 361 -20.85 7.14 2.02
C LYS B 361 -21.27 7.04 0.56
N ALA B 362 -20.91 8.05 -0.23
CA ALA B 362 -21.26 8.04 -1.64
C ALA B 362 -20.54 6.92 -2.39
N ALA B 363 -19.30 6.66 -2.01
CA ALA B 363 -18.51 5.64 -2.67
C ALA B 363 -19.09 4.26 -2.50
N VAL B 364 -19.56 3.95 -1.29
CA VAL B 364 -20.13 2.64 -1.01
C VAL B 364 -21.38 2.40 -1.87
N GLU B 365 -22.21 3.43 -2.02
CA GLU B 365 -23.42 3.30 -2.83
C GLU B 365 -23.09 3.19 -4.32
N ILE B 366 -22.03 3.84 -4.76
CA ILE B 366 -21.62 3.82 -6.16
C ILE B 366 -21.10 2.43 -6.50
N ASN B 367 -20.33 1.82 -5.60
CA ASN B 367 -19.81 0.48 -5.81
C ASN B 367 -20.98 -0.52 -5.77
N LEU B 368 -22.01 -0.18 -5.00
CA LEU B 368 -23.16 -1.06 -4.87
C LEU B 368 -23.93 -1.05 -6.19
N ALA B 369 -24.25 0.15 -6.68
CA ALA B 369 -24.95 0.30 -7.94
C ALA B 369 -24.28 -0.48 -9.07
N VAL B 370 -22.95 -0.51 -9.06
CA VAL B 370 -22.19 -1.23 -10.09
C VAL B 370 -22.49 -2.72 -9.97
N LEU B 371 -22.32 -3.26 -8.78
CA LEU B 371 -22.58 -4.68 -8.53
C LEU B 371 -24.02 -5.09 -8.83
N HIS B 372 -24.97 -4.20 -8.53
CA HIS B 372 -26.38 -4.47 -8.79
C HIS B 372 -26.61 -4.52 -10.28
N SER B 373 -26.16 -3.47 -10.95
CA SER B 373 -26.29 -3.30 -12.40
C SER B 373 -25.69 -4.43 -13.22
N PHE B 374 -24.44 -4.78 -12.93
CA PHE B 374 -23.78 -5.85 -13.65
C PHE B 374 -24.45 -7.18 -13.33
N GLN B 375 -25.05 -7.28 -12.14
CA GLN B 375 -25.70 -8.51 -11.74
C GLN B 375 -27.11 -8.62 -12.30
N LEU B 376 -27.74 -7.47 -12.47
CA LEU B 376 -29.08 -7.44 -13.02
C LEU B 376 -29.01 -7.68 -14.52
N ALA B 377 -27.91 -7.24 -15.12
CA ALA B 377 -27.71 -7.37 -16.56
C ALA B 377 -27.04 -8.68 -16.97
N LYS B 378 -26.76 -9.54 -16.01
CA LYS B 378 -26.15 -10.85 -16.25
C LYS B 378 -24.77 -10.81 -16.88
N VAL B 379 -23.97 -9.85 -16.42
CA VAL B 379 -22.60 -9.66 -16.88
C VAL B 379 -21.64 -9.92 -15.72
N THR B 380 -20.64 -10.78 -15.96
CA THR B 380 -19.68 -11.15 -14.92
C THR B 380 -18.98 -9.98 -14.21
N ILE B 381 -18.92 -10.06 -12.88
CA ILE B 381 -18.28 -9.04 -12.04
C ILE B 381 -18.01 -9.67 -10.68
N VAL B 382 -16.90 -9.31 -10.05
CA VAL B 382 -16.57 -9.85 -8.74
C VAL B 382 -16.31 -8.69 -7.77
N ASP B 383 -16.86 -8.74 -6.56
CA ASP B 383 -16.62 -7.66 -5.61
C ASP B 383 -15.26 -7.88 -4.98
N HIS B 384 -14.73 -6.82 -4.36
CA HIS B 384 -13.41 -6.87 -3.72
C HIS B 384 -13.31 -7.85 -2.58
N HIS B 385 -14.43 -8.16 -1.96
CA HIS B 385 -14.40 -9.11 -0.87
C HIS B 385 -14.19 -10.49 -1.44
N ALA B 386 -15.01 -10.87 -2.41
CA ALA B 386 -14.90 -12.19 -3.05
C ALA B 386 -13.54 -12.34 -3.70
N ALA B 387 -13.13 -11.31 -4.43
CA ALA B 387 -11.85 -11.32 -5.12
C ALA B 387 -10.66 -11.58 -4.23
N THR B 388 -10.52 -10.79 -3.16
CA THR B 388 -9.38 -10.97 -2.26
C THR B 388 -9.39 -12.31 -1.52
N VAL B 389 -10.57 -12.84 -1.21
CA VAL B 389 -10.65 -14.12 -0.50
C VAL B 389 -10.08 -15.19 -1.42
N SER B 390 -10.41 -15.08 -2.70
CA SER B 390 -9.93 -16.03 -3.71
C SER B 390 -8.41 -15.85 -3.88
N PHE B 391 -7.92 -14.62 -3.67
CA PHE B 391 -6.49 -14.36 -3.80
C PHE B 391 -5.75 -15.01 -2.64
N MET B 392 -6.37 -14.99 -1.46
CA MET B 392 -5.74 -15.62 -0.30
C MET B 392 -5.58 -17.10 -0.59
N LYS B 393 -6.61 -17.70 -1.15
CA LYS B 393 -6.62 -19.13 -1.51
C LYS B 393 -5.51 -19.39 -2.52
N HIS B 394 -5.40 -18.49 -3.50
CA HIS B 394 -4.38 -18.60 -4.52
C HIS B 394 -2.98 -18.54 -3.92
N LEU B 395 -2.79 -17.62 -2.97
CA LEU B 395 -1.49 -17.47 -2.30
C LEU B 395 -1.11 -18.80 -1.67
N ASP B 396 -2.10 -19.46 -1.08
CA ASP B 396 -1.90 -20.75 -0.45
C ASP B 396 -1.44 -21.79 -1.48
N ASN B 397 -2.19 -21.91 -2.58
CA ASN B 397 -1.87 -22.87 -3.63
C ASN B 397 -0.45 -22.65 -4.14
N GLU B 398 -0.11 -21.39 -4.38
CA GLU B 398 1.21 -21.04 -4.90
C GLU B 398 2.33 -21.32 -3.94
N GLN B 399 2.03 -21.25 -2.65
CA GLN B 399 3.03 -21.52 -1.62
C GLN B 399 3.47 -22.97 -1.73
N LYS B 400 2.49 -23.85 -1.92
CA LYS B 400 2.78 -25.27 -2.06
C LYS B 400 3.37 -25.57 -3.42
N ALA B 401 2.77 -24.98 -4.46
CA ALA B 401 3.21 -25.18 -5.84
C ALA B 401 4.65 -24.73 -6.12
N ARG B 402 4.89 -23.42 -6.01
CA ARG B 402 6.22 -22.87 -6.29
C ARG B 402 7.02 -22.30 -5.13
N GLY B 403 6.46 -22.37 -3.92
CA GLY B 403 7.17 -21.85 -2.75
C GLY B 403 7.13 -20.34 -2.57
N GLY B 404 6.07 -19.71 -3.07
CA GLY B 404 5.93 -18.28 -2.96
C GLY B 404 5.06 -17.71 -4.05
N CYS B 405 4.72 -16.43 -3.91
CA CYS B 405 3.89 -15.75 -4.90
C CYS B 405 4.10 -14.24 -4.91
N PRO B 406 4.73 -13.70 -5.98
CA PRO B 406 4.97 -12.26 -6.09
C PRO B 406 3.66 -11.47 -6.09
N ALA B 407 3.59 -10.49 -5.19
CA ALA B 407 2.41 -9.66 -5.07
C ALA B 407 2.81 -8.22 -4.74
N ASP B 408 2.05 -7.27 -5.29
CA ASP B 408 2.28 -5.85 -5.11
C ASP B 408 1.13 -5.40 -4.19
N TRP B 409 1.38 -5.46 -2.89
CA TRP B 409 0.42 -5.11 -1.85
C TRP B 409 -0.47 -3.92 -2.16
N ALA B 410 0.12 -2.82 -2.58
CA ALA B 410 -0.64 -1.61 -2.89
C ALA B 410 -1.68 -1.79 -3.99
N TRP B 411 -1.41 -2.75 -4.89
CA TRP B 411 -2.30 -3.04 -6.00
C TRP B 411 -3.28 -4.15 -5.69
N ILE B 412 -2.86 -5.08 -4.83
CA ILE B 412 -3.72 -6.19 -4.43
C ILE B 412 -4.82 -5.70 -3.49
N VAL B 413 -4.47 -4.78 -2.59
CA VAL B 413 -5.44 -4.22 -1.66
C VAL B 413 -6.35 -3.26 -2.41
N PRO B 414 -7.67 -3.48 -2.35
CA PRO B 414 -8.63 -2.60 -3.04
C PRO B 414 -8.58 -1.17 -2.55
N PRO B 415 -9.07 -0.22 -3.37
CA PRO B 415 -9.11 1.22 -3.07
C PRO B 415 -10.11 1.71 -2.01
N ILE B 416 -10.86 0.78 -1.42
CA ILE B 416 -11.81 1.10 -0.35
C ILE B 416 -11.83 -0.11 0.54
N SER B 417 -12.19 0.08 1.81
CA SER B 417 -12.28 -1.03 2.75
C SER B 417 -11.06 -1.93 2.76
N GLY B 418 -9.89 -1.32 2.64
CA GLY B 418 -8.67 -2.09 2.64
C GLY B 418 -8.50 -3.10 3.76
N SER B 419 -8.58 -2.65 5.01
CA SER B 419 -8.42 -3.55 6.16
C SER B 419 -9.62 -4.49 6.36
N LEU B 420 -10.74 -4.16 5.72
CA LEU B 420 -11.95 -4.97 5.77
C LEU B 420 -11.79 -6.21 4.87
N THR B 421 -10.64 -6.33 4.21
CA THR B 421 -10.36 -7.46 3.34
C THR B 421 -9.15 -8.25 3.84
N PRO B 422 -9.12 -9.57 3.60
CA PRO B 422 -8.03 -10.46 4.03
C PRO B 422 -6.63 -10.18 3.51
N VAL B 423 -6.52 -9.51 2.37
CA VAL B 423 -5.20 -9.25 1.81
C VAL B 423 -4.41 -8.18 2.56
N PHE B 424 -5.13 -7.20 3.10
CA PHE B 424 -4.51 -6.11 3.84
C PHE B 424 -3.59 -6.62 4.94
N HIS B 425 -4.05 -7.66 5.63
CA HIS B 425 -3.32 -8.25 6.75
C HIS B 425 -2.28 -9.28 6.37
N GLN B 426 -1.96 -9.32 5.09
CA GLN B 426 -0.98 -10.28 4.58
C GLN B 426 0.25 -9.55 4.08
N GLU B 427 1.42 -9.93 4.59
CA GLU B 427 2.66 -9.34 4.13
C GLU B 427 2.94 -10.03 2.79
N MET B 428 3.53 -9.29 1.85
CA MET B 428 3.81 -9.82 0.53
C MET B 428 5.22 -9.53 0.04
N VAL B 429 5.74 -10.42 -0.79
CA VAL B 429 7.07 -10.29 -1.38
C VAL B 429 6.82 -9.95 -2.85
N ASN B 430 7.55 -8.97 -3.39
CA ASN B 430 7.39 -8.56 -4.77
C ASN B 430 8.66 -8.72 -5.57
N TYR B 431 8.55 -9.36 -6.73
CA TYR B 431 9.70 -9.59 -7.60
C TYR B 431 9.29 -9.79 -9.05
N ILE B 432 10.28 -9.95 -9.91
CA ILE B 432 10.00 -10.13 -11.33
C ILE B 432 10.34 -11.53 -11.80
N LEU B 433 9.32 -12.23 -12.29
CA LEU B 433 9.47 -13.58 -12.83
C LEU B 433 9.13 -13.50 -14.31
N SER B 434 9.69 -14.42 -15.09
CA SER B 434 9.45 -14.45 -16.52
C SER B 434 8.88 -15.83 -16.86
N PRO B 435 7.90 -15.91 -17.78
CA PRO B 435 7.23 -14.88 -18.58
C PRO B 435 6.63 -13.72 -17.78
N ALA B 436 6.43 -12.58 -18.43
CA ALA B 436 5.90 -11.42 -17.73
C ALA B 436 5.29 -10.35 -18.61
N PHE B 437 4.25 -9.70 -18.10
CA PHE B 437 3.66 -8.58 -18.81
C PHE B 437 4.46 -7.38 -18.30
N ARG B 438 5.00 -6.59 -19.23
CA ARG B 438 5.81 -5.43 -18.89
C ARG B 438 5.15 -4.23 -19.53
N TYR B 439 5.50 -3.05 -19.04
CA TYR B 439 4.97 -1.82 -19.61
C TYR B 439 5.88 -1.48 -20.78
N GLN B 440 5.41 -0.60 -21.66
CA GLN B 440 6.25 -0.22 -22.79
C GLN B 440 5.83 1.17 -23.25
N PRO B 441 6.76 1.91 -23.88
CA PRO B 441 6.55 3.26 -24.38
C PRO B 441 5.32 3.40 -25.26
N ASP B 442 4.84 4.61 -25.41
CA ASP B 442 3.70 4.81 -26.29
C ASP B 442 4.31 4.95 -27.68
N PRO B 443 3.74 4.26 -28.67
CA PRO B 443 4.20 4.27 -30.06
C PRO B 443 4.26 5.64 -30.74
N TRP B 444 3.75 6.67 -30.09
CA TRP B 444 3.79 8.01 -30.67
C TRP B 444 4.81 8.92 -29.98
C ACT C . -3.55 16.65 11.92
O ACT C . -4.35 16.62 12.87
OXT ACT C . -3.49 17.59 11.10
CH3 ACT C . -2.59 15.47 11.72
ZN ZN D . 10.76 -1.88 -1.76
CHA HEM E . 2.20 6.29 13.34
CHB HEM E . -1.14 9.69 13.30
CHC HEM E . 1.50 12.07 16.46
CHD HEM E . 5.20 9.15 15.85
C1A HEM E . 0.97 6.93 13.23
C2A HEM E . -0.21 6.42 12.58
C3A HEM E . -1.12 7.38 12.49
C4A HEM E . -0.53 8.50 13.17
CMA HEM E . -2.46 7.27 11.76
CAA HEM E . -0.48 5.01 12.11
CBA HEM E . -0.44 4.09 13.31
CGA HEM E . -0.78 2.65 13.00
O1A HEM E . -1.31 2.37 11.90
O2A HEM E . -0.52 1.79 13.86
C1B HEM E . -0.59 10.73 13.99
C2B HEM E . -1.41 11.84 14.39
C3B HEM E . -0.68 12.51 15.36
C4B HEM E . 0.54 11.75 15.54
CMB HEM E . -2.86 12.09 13.92
CAB HEM E . -1.09 13.64 16.06
CBB HEM E . -0.36 14.74 16.36
C1C HEM E . 2.73 11.47 16.63
C2C HEM E . 3.75 11.91 17.58
C3C HEM E . 4.83 11.11 17.38
C4C HEM E . 4.44 10.19 16.33
CMC HEM E . 3.57 13.05 18.56
CAC HEM E . 6.06 11.10 18.03
CBC HEM E . 6.74 12.11 18.65
C1D HEM E . 4.69 8.13 15.03
C2D HEM E . 5.44 6.90 14.77
C3D HEM E . 4.58 6.09 14.14
C4D HEM E . 3.34 6.80 13.96
CMD HEM E . 6.91 6.60 15.11
CAD HEM E . 4.91 4.65 13.78
CBD HEM E . 4.03 3.58 14.44
CGD HEM E . 4.54 2.17 14.20
O1D HEM E . 5.59 2.00 13.52
O2D HEM E . 3.91 1.23 14.71
NA HEM E . 0.76 8.24 13.62
NB HEM E . 0.63 10.68 14.65
NC HEM E . 3.14 10.41 15.88
ND HEM E . 3.42 8.08 14.52
FE HEM E . 2.11 9.45 14.43
N GGB F . -2.74 2.83 15.88
CA GGB F . -2.51 2.94 17.35
CB GGB F . -1.86 4.29 17.71
CG GGB F . -0.51 4.61 17.05
C GGB F . -3.85 2.79 18.09
OD GGB F . -0.20 6.01 17.06
NE GGB F . -1.29 6.74 16.93
CZ GGB F . -1.21 8.09 16.96
NH1 GGB F . -0.13 8.71 17.39
NH2 GGB F . -2.24 8.81 16.55
O GGB F . -4.90 2.83 17.44
OXT GGB F . -3.83 2.64 19.34
AS CAD G . -28.68 -3.70 17.81
C1 CAD G . -29.84 -4.45 16.68
C2 CAD G . -28.51 -5.19 18.83
C1 GOL H . -1.14 -0.19 8.38
O1 GOL H . -0.79 -0.30 9.75
C2 GOL H . -1.04 -1.52 7.65
O2 GOL H . -0.69 -2.57 8.56
C3 GOL H . 0.01 -1.43 6.54
O3 GOL H . 0.25 -2.70 5.96
C1 GOL I . 1.12 3.87 -6.45
O1 GOL I . 1.24 2.71 -5.64
C2 GOL I . -0.29 4.42 -6.42
O2 GOL I . -1.21 3.45 -6.96
C3 GOL I . -0.36 5.72 -7.23
O3 GOL I . -1.68 6.22 -7.25
C ACT J . -12.23 -13.85 -9.33
O ACT J . -12.16 -14.70 -8.41
OXT ACT J . -13.30 -13.38 -9.76
CH3 ACT J . -10.94 -13.38 -9.94
CHA HEM K . -4.21 -6.15 -12.88
CHB HEM K . -8.43 -8.18 -11.78
CHC HEM K . -7.77 -11.26 -15.48
CHD HEM K . -3.31 -9.60 -16.14
C1A HEM K . -5.43 -6.41 -12.30
C2A HEM K . -6.05 -5.53 -11.35
C3A HEM K . -7.24 -6.10 -11.00
C4A HEM K . -7.35 -7.32 -11.79
CMA HEM K . -8.26 -5.52 -10.02
CAA HEM K . -5.54 -4.15 -11.02
CBA HEM K . -6.05 -3.26 -12.13
CGA HEM K . -5.80 -1.78 -11.86
O1A HEM K . -5.71 -1.38 -10.68
O2A HEM K . -5.72 -1.01 -12.85
C1B HEM K . -8.53 -9.30 -12.60
C2B HEM K . -9.76 -10.08 -12.71
C3B HEM K . -9.59 -10.95 -13.75
C4B HEM K . -8.27 -10.68 -14.28
CMB HEM K . -10.99 -9.97 -11.78
CAB HEM K . -10.52 -11.90 -14.18
CBB HEM K . -10.17 -13.21 -14.33
C1C HEM K . -6.53 -11.01 -16.05
C2C HEM K . -6.02 -11.67 -17.22
C3C HEM K . -4.73 -11.29 -17.36
C4C HEM K . -4.49 -10.33 -16.29
CMC HEM K . -6.84 -12.59 -18.13
CAC HEM K . -3.70 -11.71 -18.21
CBC HEM K . -3.77 -12.56 -19.26
C1D HEM K . -3.16 -8.55 -15.27
C2D HEM K . -2.00 -7.68 -15.30
C3D HEM K . -2.34 -6.66 -14.46
C4D HEM K . -3.64 -6.91 -13.90
CMD HEM K . -0.70 -7.90 -16.10
CAD HEM K . -1.51 -5.44 -14.17
CBD HEM K . -2.22 -4.30 -14.85
CGD HEM K . -1.36 -3.06 -14.91
O1D HEM K . -0.17 -3.13 -14.53
O2D HEM K . -1.91 -2.02 -15.33
NA HEM K . -6.22 -7.51 -12.58
NB HEM K . -7.60 -9.69 -13.53
NC HEM K . -5.60 -10.16 -15.48
ND HEM K . -4.15 -8.11 -14.38
FE HEM K . -5.76 -9.04 -13.80
N GGB L . -8.75 -1.04 -13.91
CA GGB L . -8.81 -0.93 -15.37
CB GGB L . -8.63 -2.28 -16.03
CG GGB L . -7.34 -2.98 -15.62
C GGB L . -10.15 -0.26 -15.76
OD GGB L . -7.40 -4.42 -15.65
NE GGB L . -8.58 -4.85 -15.23
CZ GGB L . -8.81 -6.17 -15.21
NH1 GGB L . -8.03 -7.02 -15.84
NH2 GGB L . -9.89 -6.62 -14.55
O GGB L . -10.81 0.30 -14.88
OXT GGB L . -10.54 -0.30 -16.96
AS CAD M . -30.24 13.79 -7.78
C1 CAD M . -30.47 12.70 -9.23
C2 CAD M . -29.86 15.30 -8.74
C1 GOL N . -3.95 5.87 -13.74
O1 GOL N . -5.19 6.51 -13.98
C2 GOL N . -3.83 5.48 -12.26
O2 GOL N . -3.85 6.68 -11.46
C3 GOL N . -2.53 4.72 -12.04
O3 GOL N . -2.58 4.00 -10.83
#